data_4ATX
#
_entry.id   4ATX
#
_cell.length_a   1.000
_cell.length_b   1.000
_cell.length_c   1.000
_cell.angle_alpha   90.00
_cell.angle_beta   90.00
_cell.angle_gamma   90.00
#
_symmetry.space_group_name_H-M   'P 1'
#
loop_
_entity.id
_entity.type
_entity.pdbx_description
1 polymer 'TUBULIN BETA-2B CHAIN'
2 polymer 'TUBULIN ALPHA-1D CHAIN'
3 polymer 'KINESIN-1 HEAVY CHAIN'
4 non-polymer "GUANOSINE-5'-DIPHOSPHATE"
5 non-polymer "GUANOSINE-5'-TRIPHOSPHATE"
#
loop_
_entity_poly.entity_id
_entity_poly.type
_entity_poly.pdbx_seq_one_letter_code
_entity_poly.pdbx_strand_id
1 'polypeptide(L)'
;MREIVHIQAGQCGNQIGAKFWEVISDEHGIDPTGSYHGDSDLQLERINVYYNEAAGNKYVPRAILVDLEPGTMDSVRSGP
FGQIFRPDNFVFGQSGAGNNWAKGHYTEGAELVDSVLDVVRKESESCDCLQGFQLTHSLGGGTGSGMGTLLISKIREEYP
DRIMNTFSVVPSPKVSDTVVEPYNATLSVHQLVENTDETYCIDNEALYDICFRTLKLTTPTYGDLNHLVSATMSGVTTCL
RFPGQLNADLRKLAVNMVPFPRLHFFMPGFAPLTSRGSQQYRALTVPELTQQMFDAKNMMAACDPRHGRYLTVAAVFRGR
MSMKEVDEQMLNVQNKNSSYFVEWIPNNVKTAVCDIPPRGLKMSATFIGNSTAIQELFKRISEQFTAMFRRKAFLHWYTG
EGMDEMEFTEAESNMNDLVSEYQQYQDATADEQGEFEEEEGEDEA
;
A
2 'polypeptide(L)'
;MRECISIHVGQAGVQIGNACWELYCLEHGIQPDGQMPSDKTIGGGDDSFNTFFSETGAGKHVPRAVFVDLEPTVIDEVRT
GTYRQLFHPEQLITGKEDAANNYARGHYTIGKEIIDLVLDRIRKLADQCTGLQGFSVFHSFGGGTGSGFTSLLMERLSVD
YGKKSKLEFSIYPAPQVSTAVVEPYNSILTTHTTLEHSDCAFMVDNEAIYDICRRNLDIERPTYTNLNRLIGQIVSSITA
SLRFDGALNVDLTEFQTNLVPYPRGHFPLATYAPVISAEKAYHEQLSVAEITNACFEPANQMVKCDPRHGKYMACCLLYR
GDVVPKDVNAAIATIKTKRTIQFVDWCPTGFKVGINYEPPTVVPGGDLAKVQRAVCMLSNTTAIAEAWARLDHKFDLMYA
KRAFVHWYVGEGMEEGEFSEAREDMAALEKDYEEVGVDSVEGEGEEEEGEEY
;
B
3 'polypeptide(L)'
;MADPAECNIKVMCRFRPLNESEVNRGDKYVAKFQGEDTVMIASKPYAFDRVFQSSTSQEQVYNDCAKKIVKDVLEGYNGT
IFAYGQTSSGKNHTMEGKLHDPEGMGIIPRIVQDIFNYIYSMDENLEFHIKVSYFEIYLDKIRDLLDVSKTNLSVHEDKN
RVPYVKGCTERFVCSPDEVMDTIDEGKSNRHVAVTNMNEHSSRSHSIFLINVKQENTQTEQKLSGKLYLVDLAGSEKVSK
TGAEGAVLDEAKNINKSLSALGNVISALAEGSTYVPYRDSKMTRILQDSLGGNCRTTIVICCSPSSYNESETKSTLLFGQ
RAKTIKNTVCVNVELTAEQW
;
C
#
# COMPACT_ATOMS: atom_id res chain seq x y z
N ARG A 2 5.62 2.02 18.64
CA ARG A 2 6.41 2.38 17.42
C ARG A 2 7.40 3.49 17.78
N GLU A 3 8.27 3.85 16.82
CA GLU A 3 9.29 4.88 17.04
C GLU A 3 9.82 5.53 15.77
N ILE A 4 10.66 6.54 15.94
CA ILE A 4 11.32 7.28 14.86
C ILE A 4 12.57 7.96 15.44
N VAL A 5 13.52 8.33 14.58
CA VAL A 5 14.71 9.05 15.05
C VAL A 5 15.06 10.21 14.13
N HIS A 6 14.71 11.40 14.59
CA HIS A 6 14.93 12.64 13.86
C HIS A 6 16.38 12.79 13.45
N ILE A 7 16.60 13.55 12.38
CA ILE A 7 17.95 13.81 11.88
C ILE A 7 18.13 15.26 11.41
N GLN A 8 18.90 16.04 12.17
CA GLN A 8 19.17 17.47 11.88
C GLN A 8 20.40 17.71 11.00
N ALA A 9 20.31 17.37 9.72
CA ALA A 9 21.43 17.55 8.80
C ALA A 9 21.70 19.00 8.39
N GLY A 10 22.95 19.42 8.49
CA GLY A 10 23.30 20.78 8.12
C GLY A 10 22.91 21.80 9.16
N GLN A 11 23.03 23.09 8.82
CA GLN A 11 22.67 24.16 9.74
C GLN A 11 21.16 24.31 9.71
N CYS A 12 20.64 24.60 8.54
CA CYS A 12 19.20 24.77 8.41
C CYS A 12 18.51 23.63 9.10
N GLY A 13 18.63 22.44 8.51
CA GLY A 13 18.01 21.27 9.10
C GLY A 13 18.20 21.28 10.59
N ASN A 14 19.30 21.89 11.02
CA ASN A 14 19.61 21.97 12.43
C ASN A 14 18.80 23.08 13.08
N GLN A 15 18.94 24.31 12.57
CA GLN A 15 18.21 25.45 13.09
C GLN A 15 16.77 25.04 13.33
N ILE A 16 16.19 24.38 12.33
CA ILE A 16 14.82 23.87 12.40
C ILE A 16 14.66 22.82 13.49
N GLY A 17 15.70 22.02 13.70
CA GLY A 17 15.63 21.02 14.74
C GLY A 17 15.22 21.73 16.01
N ALA A 18 15.90 22.83 16.30
CA ALA A 18 15.60 23.59 17.49
C ALA A 18 14.15 24.00 17.53
N LYS A 19 13.55 24.27 16.38
CA LYS A 19 12.15 24.69 16.36
C LYS A 19 11.23 23.48 16.38
N PHE A 20 11.63 22.42 15.70
CA PHE A 20 10.80 21.23 15.69
C PHE A 20 10.75 20.63 17.09
N TRP A 21 11.84 20.76 17.82
CA TRP A 21 11.87 20.21 19.15
C TRP A 21 11.35 21.22 20.15
N GLU A 22 11.46 22.50 19.81
CA GLU A 22 10.95 23.55 20.67
C GLU A 22 9.48 23.18 20.82
N VAL A 23 8.81 23.07 19.69
CA VAL A 23 7.39 22.72 19.63
C VAL A 23 7.12 21.38 20.29
N ILE A 24 7.24 20.34 19.48
CA ILE A 24 7.02 18.97 19.87
C ILE A 24 7.10 18.73 21.38
N SER A 25 8.13 19.26 22.02
CA SER A 25 8.30 19.07 23.46
C SER A 25 7.07 19.58 24.21
N ASP A 26 6.74 20.85 23.98
CA ASP A 26 5.57 21.49 24.60
C ASP A 26 4.32 20.68 24.27
N GLU A 27 4.33 20.05 23.10
CA GLU A 27 3.23 19.21 22.62
C GLU A 27 3.46 17.83 23.25
N HIS A 28 4.24 17.82 24.31
CA HIS A 28 4.55 16.60 25.03
C HIS A 28 5.07 16.92 26.43
N GLY A 29 4.81 18.16 26.87
CA GLY A 29 5.23 18.60 28.19
C GLY A 29 6.63 18.28 28.70
N ILE A 30 7.62 18.40 27.82
CA ILE A 30 8.99 18.12 28.20
C ILE A 30 9.80 19.41 28.25
N ASP A 31 10.10 19.86 29.47
CA ASP A 31 10.86 21.08 29.72
C ASP A 31 12.32 20.81 29.40
N PRO A 32 13.10 21.86 29.10
CA PRO A 32 14.53 21.71 28.78
C PRO A 32 15.08 20.33 29.14
N THR A 33 15.49 20.14 30.38
CA THR A 33 16.01 18.85 30.82
C THR A 33 14.93 18.20 31.67
N GLY A 34 13.93 19.00 32.06
CA GLY A 34 12.84 18.49 32.87
C GLY A 34 12.20 17.26 32.27
N SER A 35 11.07 16.85 32.86
CA SER A 35 10.37 15.66 32.38
C SER A 35 9.05 16.00 31.74
N TYR A 36 8.06 15.18 32.09
CA TYR A 36 6.72 15.33 31.56
C TYR A 36 5.81 16.13 32.51
N HIS A 37 5.68 17.42 32.24
CA HIS A 37 4.82 18.30 33.03
C HIS A 37 3.41 18.24 32.44
N GLY A 38 3.33 17.56 31.29
CA GLY A 38 2.10 17.38 30.56
C GLY A 38 0.81 17.76 31.25
N ASP A 39 0.15 18.77 30.70
CA ASP A 39 -1.11 19.24 31.23
C ASP A 39 -2.06 18.05 31.34
N SER A 40 -1.85 17.07 30.47
CA SER A 40 -2.69 15.88 30.46
C SER A 40 -1.88 14.62 30.82
N ASP A 41 -2.41 13.46 30.46
CA ASP A 41 -1.78 12.18 30.75
C ASP A 41 -1.61 11.40 29.45
N LEU A 42 -2.22 11.91 28.39
CA LEU A 42 -2.17 11.27 27.07
C LEU A 42 -0.92 11.65 26.27
N GLN A 43 -0.32 12.78 26.59
CA GLN A 43 0.89 13.24 25.91
C GLN A 43 2.12 12.46 26.38
N LEU A 44 1.88 11.25 26.89
CA LEU A 44 2.96 10.44 27.43
C LEU A 44 2.96 8.97 27.04
N GLU A 45 1.77 8.40 26.89
CA GLU A 45 1.65 7.00 26.53
C GLU A 45 2.29 6.64 25.19
N ARG A 46 2.61 7.65 24.40
CA ARG A 46 3.19 7.39 23.08
C ARG A 46 4.48 8.17 22.81
N ILE A 47 4.95 8.95 23.80
CA ILE A 47 6.16 9.74 23.58
C ILE A 47 7.30 8.96 22.95
N ASN A 48 7.60 7.81 23.54
CA ASN A 48 8.68 6.94 23.05
C ASN A 48 9.07 7.25 21.63
N VAL A 49 8.09 7.40 20.76
CA VAL A 49 8.34 7.72 19.36
C VAL A 49 9.49 8.72 19.13
N TYR A 50 9.73 9.59 20.11
CA TYR A 50 10.79 10.60 19.99
C TYR A 50 11.78 10.72 21.15
N TYR A 51 11.64 9.90 22.19
CA TYR A 51 12.55 10.02 23.33
C TYR A 51 13.10 8.70 23.85
N ASN A 52 13.80 8.76 24.99
CA ASN A 52 14.37 7.58 25.61
C ASN A 52 14.38 7.70 27.13
N GLU A 53 14.16 6.56 27.80
CA GLU A 53 14.12 6.53 29.26
C GLU A 53 15.48 6.20 29.87
N ALA A 54 16.00 7.13 30.69
CA ALA A 54 17.29 6.95 31.35
C ALA A 54 17.13 7.26 32.84
N ALA A 55 17.01 8.55 33.16
CA ALA A 55 16.84 8.97 34.54
C ALA A 55 15.43 8.63 35.04
N GLY A 56 14.48 9.51 34.74
CA GLY A 56 13.11 9.30 35.18
C GLY A 56 12.37 10.62 35.07
N ASN A 57 13.11 11.63 34.62
CA ASN A 57 12.61 12.98 34.43
C ASN A 57 13.31 13.51 33.18
N LYS A 58 14.22 12.69 32.66
CA LYS A 58 14.99 13.07 31.49
C LYS A 58 14.70 12.18 30.29
N TYR A 59 13.69 12.57 29.53
CA TYR A 59 13.33 11.87 28.31
C TYR A 59 14.07 12.69 27.25
N VAL A 60 15.16 12.14 26.74
CA VAL A 60 15.96 12.87 25.75
C VAL A 60 15.58 12.64 24.31
N PRO A 61 15.42 13.73 23.56
CA PRO A 61 15.06 13.62 22.15
C PRO A 61 16.04 12.69 21.43
N ARG A 62 15.47 11.78 20.65
CA ARG A 62 16.26 10.81 19.93
C ARG A 62 16.45 11.24 18.48
N ALA A 63 17.27 12.27 18.31
CA ALA A 63 17.57 12.83 17.00
C ALA A 63 19.07 12.83 16.78
N ILE A 64 19.50 13.26 15.60
CA ILE A 64 20.93 13.34 15.33
C ILE A 64 21.21 14.74 14.84
N LEU A 65 22.34 15.30 15.28
CA LEU A 65 22.73 16.66 14.87
C LEU A 65 24.04 16.57 14.09
N VAL A 66 23.88 16.56 12.77
CA VAL A 66 25.00 16.44 11.85
C VAL A 66 25.33 17.79 11.20
N ASP A 67 26.59 18.21 11.33
CA ASP A 67 27.03 19.49 10.77
C ASP A 67 28.55 19.67 10.82
N LEU A 68 29.11 20.24 9.77
CA LEU A 68 30.55 20.47 9.64
C LEU A 68 30.97 21.88 10.07
N GLU A 69 30.04 22.61 10.67
CA GLU A 69 30.29 23.97 11.12
C GLU A 69 29.99 24.00 12.62
N PRO A 70 31.03 24.08 13.45
CA PRO A 70 30.77 24.11 14.88
C PRO A 70 29.77 25.19 15.29
N GLY A 71 30.17 26.47 15.17
CA GLY A 71 29.31 27.59 15.54
C GLY A 71 27.81 27.31 15.55
N THR A 72 27.32 26.62 14.52
CA THR A 72 25.89 26.31 14.42
C THR A 72 25.41 25.51 15.62
N MET A 73 25.72 24.22 15.63
CA MET A 73 25.31 23.34 16.73
C MET A 73 25.69 23.95 18.08
N ASP A 74 26.68 24.84 18.06
CA ASP A 74 27.14 25.52 19.27
C ASP A 74 26.33 26.78 19.55
N SER A 75 25.23 26.93 18.81
CA SER A 75 24.31 28.05 18.98
C SER A 75 23.00 27.39 19.41
N VAL A 76 22.78 26.20 18.88
CA VAL A 76 21.60 25.42 19.18
C VAL A 76 21.81 24.74 20.51
N ARG A 77 23.07 24.46 20.84
CA ARG A 77 23.38 23.81 22.11
C ARG A 77 23.66 24.83 23.21
N SER A 78 23.78 26.11 22.85
CA SER A 78 24.07 27.16 23.83
C SER A 78 22.88 28.10 24.06
N GLY A 79 21.72 27.73 23.55
CA GLY A 79 20.54 28.57 23.73
C GLY A 79 19.47 27.96 24.61
N PRO A 80 18.19 28.03 24.19
CA PRO A 80 17.07 27.48 24.97
C PRO A 80 17.16 25.96 25.19
N PHE A 81 16.23 25.23 24.60
CA PHE A 81 16.19 23.77 24.74
C PHE A 81 17.49 23.08 24.34
N GLY A 82 18.48 23.86 23.93
CA GLY A 82 19.74 23.29 23.51
C GLY A 82 20.40 22.29 24.44
N GLN A 83 20.06 22.33 25.73
CA GLN A 83 20.70 21.43 26.69
C GLN A 83 19.87 20.20 27.06
N ILE A 84 19.16 19.64 26.07
CA ILE A 84 18.35 18.44 26.31
C ILE A 84 18.90 17.27 25.50
N PHE A 85 19.62 17.58 24.43
CA PHE A 85 20.22 16.56 23.60
C PHE A 85 21.42 15.98 24.34
N ARG A 86 21.54 14.65 24.36
CA ARG A 86 22.70 14.04 25.01
C ARG A 86 23.83 14.40 24.05
N PRO A 87 24.98 14.85 24.59
CA PRO A 87 26.13 15.24 23.76
C PRO A 87 26.50 14.22 22.69
N ASP A 88 26.21 12.96 22.98
CA ASP A 88 26.49 11.88 22.06
C ASP A 88 25.81 12.15 20.71
N ASN A 89 24.70 12.89 20.77
CA ASN A 89 23.91 13.23 19.58
C ASN A 89 24.63 14.16 18.61
N PHE A 90 25.46 15.05 19.15
CA PHE A 90 26.20 16.00 18.33
C PHE A 90 27.31 15.39 17.48
N VAL A 91 27.03 15.12 16.21
CA VAL A 91 28.07 14.59 15.34
C VAL A 91 28.56 15.75 14.50
N PHE A 92 29.51 16.49 15.05
CA PHE A 92 30.09 17.65 14.40
C PHE A 92 31.25 17.31 13.48
N GLY A 93 31.64 18.28 12.65
CA GLY A 93 32.76 18.10 11.75
C GLY A 93 33.45 19.45 11.73
N GLN A 94 34.30 19.70 12.71
CA GLN A 94 34.98 20.99 12.81
C GLN A 94 35.73 21.42 11.54
N SER A 95 35.74 20.55 10.54
CA SER A 95 36.39 20.82 9.26
C SER A 95 35.85 22.13 8.69
N GLY A 96 36.16 22.39 7.41
CA GLY A 96 35.63 23.59 6.78
C GLY A 96 34.31 23.19 6.16
N ALA A 97 33.20 23.54 6.79
CA ALA A 97 31.87 23.16 6.28
C ALA A 97 31.53 23.83 4.94
N GLY A 98 32.52 23.94 4.07
CA GLY A 98 32.31 24.57 2.76
C GLY A 98 30.94 24.35 2.18
N ASN A 99 30.45 25.37 1.48
CA ASN A 99 29.12 25.33 0.88
C ASN A 99 29.00 24.44 -0.35
N ASN A 100 29.85 23.43 -0.41
CA ASN A 100 29.86 22.55 -1.55
C ASN A 100 29.25 21.17 -1.28
N TRP A 101 28.28 20.81 -2.11
CA TRP A 101 27.59 19.53 -2.00
C TRP A 101 28.64 18.44 -2.01
N ALA A 102 29.64 18.65 -2.84
CA ALA A 102 30.72 17.72 -2.99
C ALA A 102 31.60 17.72 -1.77
N LYS A 103 31.69 18.85 -1.07
CA LYS A 103 32.55 18.91 0.10
C LYS A 103 31.94 18.25 1.32
N GLY A 104 30.62 18.05 1.30
CA GLY A 104 29.98 17.41 2.43
C GLY A 104 29.41 16.03 2.09
N HIS A 105 29.69 15.56 0.89
CA HIS A 105 29.17 14.27 0.47
C HIS A 105 30.28 13.32 0.07
N TYR A 106 31.39 13.85 -0.45
CA TYR A 106 32.49 12.98 -0.87
C TYR A 106 33.80 13.16 -0.14
N THR A 107 34.13 14.40 0.19
CA THR A 107 35.40 14.65 0.82
C THR A 107 35.41 14.91 2.27
N GLU A 108 34.62 15.88 2.71
CA GLU A 108 34.63 16.20 4.12
C GLU A 108 33.60 15.38 4.88
N GLY A 109 32.37 15.36 4.39
CA GLY A 109 31.33 14.61 5.08
C GLY A 109 31.55 13.11 5.13
N ALA A 110 32.06 12.55 4.04
CA ALA A 110 32.29 11.13 3.96
C ALA A 110 33.08 10.58 5.14
N GLU A 111 33.87 11.43 5.79
CA GLU A 111 34.64 10.98 6.92
C GLU A 111 33.77 10.92 8.16
N LEU A 112 33.10 12.04 8.43
CA LEU A 112 32.23 12.17 9.58
C LEU A 112 31.04 11.21 9.56
N VAL A 113 30.79 10.59 8.42
CA VAL A 113 29.67 9.68 8.26
C VAL A 113 29.67 8.49 9.21
N ASP A 114 30.75 7.71 9.17
CA ASP A 114 30.87 6.52 10.02
C ASP A 114 30.61 6.87 11.49
N SER A 115 31.09 8.02 11.94
CA SER A 115 30.89 8.44 13.32
C SER A 115 29.45 8.90 13.53
N VAL A 116 28.67 8.87 12.46
CA VAL A 116 27.26 9.26 12.55
C VAL A 116 26.51 7.95 12.58
N LEU A 117 26.62 7.19 11.48
CA LEU A 117 25.93 5.91 11.37
C LEU A 117 26.02 5.15 12.69
N ASP A 118 27.17 5.31 13.33
CA ASP A 118 27.47 4.68 14.61
C ASP A 118 26.32 4.99 15.54
N VAL A 119 26.03 6.27 15.71
CA VAL A 119 24.97 6.70 16.59
C VAL A 119 23.59 6.37 16.02
N VAL A 120 23.36 6.63 14.74
CA VAL A 120 22.06 6.33 14.14
C VAL A 120 21.67 4.88 14.41
N ARG A 121 22.67 4.07 14.80
CA ARG A 121 22.44 2.66 15.12
C ARG A 121 22.23 2.53 16.62
N LYS A 122 22.95 3.35 17.38
CA LYS A 122 22.79 3.32 18.83
C LYS A 122 21.35 3.72 19.16
N GLU A 123 20.81 4.63 18.36
CA GLU A 123 19.44 5.13 18.57
C GLU A 123 18.40 4.19 17.99
N SER A 124 18.71 3.57 16.86
CA SER A 124 17.77 2.65 16.22
C SER A 124 17.59 1.42 17.07
N GLU A 125 18.71 0.89 17.57
CA GLU A 125 18.71 -0.30 18.41
C GLU A 125 18.34 0.08 19.85
N SER A 126 17.74 1.24 20.00
CA SER A 126 17.30 1.73 21.30
C SER A 126 16.44 0.62 21.86
N CYS A 127 15.16 0.67 21.54
CA CYS A 127 14.22 -0.35 22.01
C CYS A 127 12.99 -0.47 21.12
N ASP A 128 12.05 -1.28 21.60
CA ASP A 128 10.80 -1.58 20.92
C ASP A 128 11.00 -1.76 19.42
N CYS A 129 10.09 -1.20 18.62
CA CYS A 129 10.17 -1.34 17.18
C CYS A 129 10.28 0.00 16.47
N LEU A 130 11.26 0.11 15.58
CA LEU A 130 11.50 1.32 14.83
C LEU A 130 10.56 1.40 13.63
N GLN A 131 10.10 2.62 13.39
CA GLN A 131 9.18 2.93 12.29
C GLN A 131 9.96 3.54 11.10
N GLY A 132 10.63 4.64 11.39
CA GLY A 132 11.43 5.37 10.40
C GLY A 132 12.19 6.53 11.04
N PHE A 133 12.83 7.32 10.17
CA PHE A 133 13.61 8.49 10.60
C PHE A 133 13.15 9.77 9.89
N GLN A 134 13.11 10.83 10.69
CA GLN A 134 12.77 12.18 10.22
C GLN A 134 14.07 12.87 9.82
N LEU A 135 14.03 13.54 8.69
CA LEU A 135 15.23 14.21 8.15
C LEU A 135 14.91 15.65 7.73
N THR A 136 15.62 16.55 8.39
CA THR A 136 15.53 17.99 8.11
C THR A 136 16.86 18.48 7.54
N HIS A 137 16.73 19.39 6.59
CA HIS A 137 17.89 19.97 5.92
C HIS A 137 17.43 20.86 4.77
N SER A 138 18.41 21.50 4.17
CA SER A 138 18.22 22.39 3.03
C SER A 138 19.03 21.87 1.87
N LEU A 139 18.43 21.87 0.70
CA LEU A 139 19.08 21.40 -0.50
C LEU A 139 19.88 22.49 -1.18
N GLY A 140 20.35 23.45 -0.38
CA GLY A 140 21.13 24.54 -0.92
C GLY A 140 22.41 24.83 -0.16
N GLY A 141 23.16 23.78 0.15
CA GLY A 141 24.41 23.92 0.89
C GLY A 141 25.17 22.61 1.04
N GLY A 142 26.29 22.64 1.75
CA GLY A 142 27.08 21.45 1.94
C GLY A 142 26.50 20.49 2.94
N THR A 143 26.70 20.78 4.22
CA THR A 143 26.19 19.92 5.30
C THR A 143 24.73 19.54 5.16
N GLY A 144 24.01 20.22 4.27
CA GLY A 144 22.61 19.92 4.11
C GLY A 144 22.33 18.92 3.03
N SER A 145 22.49 19.35 1.79
CA SER A 145 22.23 18.51 0.64
C SER A 145 23.21 17.36 0.47
N GLY A 146 24.49 17.65 0.59
CA GLY A 146 25.50 16.63 0.41
C GLY A 146 25.58 15.64 1.55
N MET A 147 26.08 16.08 2.70
CA MET A 147 26.23 15.20 3.84
C MET A 147 24.95 14.59 4.40
N GLY A 148 23.84 15.30 4.30
CA GLY A 148 22.59 14.77 4.80
C GLY A 148 22.01 13.80 3.80
N THR A 149 22.29 14.05 2.52
CA THR A 149 21.80 13.21 1.48
C THR A 149 22.59 11.93 1.46
N LEU A 150 23.72 11.94 2.16
CA LEU A 150 24.53 10.74 2.25
C LEU A 150 24.00 9.95 3.43
N LEU A 151 23.80 10.65 4.54
CA LEU A 151 23.29 10.03 5.74
C LEU A 151 22.13 9.13 5.43
N ILE A 152 21.30 9.52 4.49
CA ILE A 152 20.16 8.69 4.16
C ILE A 152 20.54 7.51 3.27
N SER A 153 21.34 7.79 2.24
CA SER A 153 21.76 6.73 1.32
C SER A 153 22.33 5.56 2.09
N LYS A 154 22.85 5.86 3.29
CA LYS A 154 23.43 4.85 4.18
C LYS A 154 22.32 4.27 5.04
N ILE A 155 21.47 5.13 5.57
CA ILE A 155 20.35 4.69 6.40
C ILE A 155 19.52 3.67 5.59
N ARG A 156 19.16 4.02 4.35
CA ARG A 156 18.36 3.17 3.47
C ARG A 156 19.04 1.91 2.96
N GLU A 157 20.19 1.59 3.53
CA GLU A 157 20.93 0.40 3.13
C GLU A 157 20.97 -0.44 4.38
N GLU A 158 20.80 0.25 5.50
CA GLU A 158 20.83 -0.37 6.81
C GLU A 158 19.46 -0.84 7.29
N TYR A 159 18.40 -0.21 6.80
CA TYR A 159 17.07 -0.64 7.19
C TYR A 159 16.06 -0.31 6.09
N PRO A 160 16.21 -0.96 4.92
CA PRO A 160 15.29 -0.72 3.79
C PRO A 160 13.85 -1.08 4.14
N ASP A 161 13.61 -1.28 5.44
CA ASP A 161 12.31 -1.62 5.98
C ASP A 161 11.67 -0.38 6.62
N ARG A 162 12.37 0.20 7.58
CA ARG A 162 11.84 1.38 8.24
C ARG A 162 11.73 2.51 7.22
N ILE A 163 10.74 3.37 7.40
CA ILE A 163 10.50 4.49 6.48
C ILE A 163 11.49 5.66 6.61
N MET A 164 11.35 6.60 5.68
CA MET A 164 12.21 7.78 5.61
C MET A 164 11.52 9.05 5.12
N ASN A 165 11.04 9.84 6.07
CA ASN A 165 10.39 11.07 5.74
C ASN A 165 11.50 12.09 5.60
N THR A 166 11.39 12.92 4.59
CA THR A 166 12.40 13.92 4.39
C THR A 166 11.74 15.29 4.30
N PHE A 167 12.24 16.21 5.12
CA PHE A 167 11.78 17.58 5.13
C PHE A 167 12.87 18.43 4.50
N SER A 168 12.67 18.75 3.22
CA SER A 168 13.63 19.54 2.46
C SER A 168 13.18 20.98 2.22
N VAL A 169 14.14 21.89 2.33
CA VAL A 169 13.89 23.28 2.11
C VAL A 169 14.37 23.62 0.70
N VAL A 170 13.65 23.06 -0.28
CA VAL A 170 13.97 23.30 -1.68
C VAL A 170 14.23 24.79 -1.91
N PRO A 171 15.23 25.12 -2.73
CA PRO A 171 15.65 26.48 -3.08
C PRO A 171 14.50 27.35 -3.55
N SER A 172 14.17 28.34 -2.73
CA SER A 172 13.09 29.27 -3.04
C SER A 172 13.37 29.95 -4.37
N PRO A 173 12.31 30.26 -5.12
CA PRO A 173 12.48 30.93 -6.42
C PRO A 173 13.00 32.37 -6.37
N LYS A 174 12.09 33.34 -6.46
CA LYS A 174 12.41 34.77 -6.45
C LYS A 174 13.88 35.09 -6.14
N VAL A 175 14.34 34.75 -4.94
CA VAL A 175 15.73 35.02 -4.55
C VAL A 175 16.38 33.81 -3.90
N SER A 176 17.59 33.49 -4.32
CA SER A 176 18.32 32.35 -3.77
C SER A 176 19.30 32.79 -2.69
N ASP A 177 19.13 32.23 -1.50
CA ASP A 177 19.95 32.56 -0.35
C ASP A 177 21.35 32.02 -0.44
N THR A 178 21.72 31.59 -1.63
CA THR A 178 23.05 31.06 -1.95
C THR A 178 23.25 31.21 -3.46
N VAL A 179 24.43 30.86 -3.96
CA VAL A 179 24.69 31.03 -5.38
C VAL A 179 24.72 29.79 -6.22
N VAL A 180 25.32 28.74 -5.69
CA VAL A 180 25.42 27.50 -6.44
C VAL A 180 24.13 26.71 -6.25
N GLU A 181 23.35 27.14 -5.26
CA GLU A 181 22.07 26.55 -4.92
C GLU A 181 21.62 25.39 -5.80
N PRO A 182 21.34 25.63 -7.10
CA PRO A 182 20.90 24.53 -7.99
C PRO A 182 21.87 23.38 -8.08
N TYR A 183 23.14 23.65 -7.76
CA TYR A 183 24.17 22.64 -7.75
C TYR A 183 23.96 21.78 -6.52
N ASN A 184 24.02 22.38 -5.34
CA ASN A 184 23.79 21.66 -4.10
C ASN A 184 22.40 21.01 -4.12
N ALA A 185 21.45 21.61 -4.81
CA ALA A 185 20.09 21.09 -4.87
C ALA A 185 19.93 19.92 -5.80
N THR A 186 20.02 20.18 -7.09
CA THR A 186 19.86 19.13 -8.07
C THR A 186 20.56 17.85 -7.60
N LEU A 187 21.72 18.03 -6.98
CA LEU A 187 22.49 16.90 -6.48
C LEU A 187 21.86 16.16 -5.30
N SER A 188 21.13 16.88 -4.46
CA SER A 188 20.52 16.24 -3.32
C SER A 188 19.16 15.64 -3.65
N VAL A 189 18.38 16.31 -4.49
CA VAL A 189 17.06 15.79 -4.89
C VAL A 189 17.25 14.40 -5.52
N HIS A 190 18.31 14.30 -6.30
CA HIS A 190 18.75 13.10 -6.96
C HIS A 190 18.74 11.97 -5.92
N GLN A 191 19.53 12.16 -4.85
CA GLN A 191 19.69 11.20 -3.73
C GLN A 191 18.35 10.90 -3.04
N LEU A 192 17.48 11.91 -3.01
CA LEU A 192 16.18 11.80 -2.38
C LEU A 192 15.23 10.88 -3.15
N VAL A 193 15.05 11.17 -4.44
CA VAL A 193 14.18 10.42 -5.36
C VAL A 193 14.56 8.95 -5.35
N GLU A 194 15.60 8.62 -4.58
CA GLU A 194 16.07 7.26 -4.60
C GLU A 194 16.47 6.64 -3.28
N ASN A 195 15.95 7.18 -2.20
CA ASN A 195 16.22 6.64 -0.88
C ASN A 195 15.03 6.93 0.03
N THR A 196 14.86 8.16 0.52
CA THR A 196 13.70 8.46 1.36
C THR A 196 12.40 8.15 0.59
N ASP A 197 11.31 7.84 1.29
CA ASP A 197 10.05 7.54 0.59
C ASP A 197 8.87 8.44 0.91
N GLU A 198 9.18 9.60 1.48
CA GLU A 198 8.20 10.64 1.84
C GLU A 198 8.99 11.92 2.07
N THR A 199 8.79 12.90 1.20
CA THR A 199 9.51 14.17 1.32
C THR A 199 8.55 15.34 1.40
N TYR A 200 8.76 16.19 2.38
CA TYR A 200 7.93 17.38 2.53
C TYR A 200 8.75 18.65 2.27
N CYS A 201 8.63 19.16 1.04
CA CYS A 201 9.35 20.33 0.55
C CYS A 201 8.75 21.66 0.96
N ILE A 202 9.55 22.43 1.69
CA ILE A 202 9.15 23.74 2.18
C ILE A 202 9.98 24.83 1.51
N ASP A 203 9.36 26.00 1.29
CA ASP A 203 10.03 27.13 0.62
C ASP A 203 10.05 28.40 1.45
N ASN A 204 11.24 28.80 1.89
CA ASN A 204 11.38 29.98 2.69
C ASN A 204 10.53 31.17 2.25
N GLU A 205 10.22 31.27 0.96
CA GLU A 205 9.40 32.37 0.46
C GLU A 205 7.90 32.02 0.31
N ALA A 206 7.60 30.74 0.31
CA ALA A 206 6.22 30.33 0.25
C ALA A 206 5.72 30.58 1.66
N LEU A 207 6.65 30.50 2.61
CA LEU A 207 6.39 30.71 4.02
C LEU A 207 6.20 32.19 4.28
N TYR A 208 7.19 32.99 3.91
CA TYR A 208 7.09 34.42 4.10
C TYR A 208 5.68 34.77 3.72
N ASP A 209 5.36 34.64 2.44
CA ASP A 209 4.03 34.94 1.94
C ASP A 209 3.00 34.47 2.95
N ILE A 210 2.85 33.16 3.04
CA ILE A 210 1.90 32.54 3.96
C ILE A 210 2.06 33.03 5.39
N CYS A 211 3.16 33.71 5.67
CA CYS A 211 3.44 34.18 7.02
C CYS A 211 3.31 35.69 7.17
N PHE A 212 3.26 36.40 6.04
CA PHE A 212 3.14 37.85 6.06
C PHE A 212 1.76 38.31 5.58
N ARG A 213 0.99 37.40 5.00
CA ARG A 213 -0.35 37.77 4.54
C ARG A 213 -1.42 36.89 5.19
N THR A 214 -1.03 35.71 5.68
CA THR A 214 -1.97 34.80 6.33
C THR A 214 -1.77 34.91 7.84
N LEU A 215 -0.81 35.74 8.20
CA LEU A 215 -0.44 36.10 9.56
C LEU A 215 0.05 37.48 9.26
N LYS A 216 -0.76 38.50 9.55
CA LYS A 216 -0.37 39.86 9.27
C LYS A 216 1.05 40.17 9.76
N LEU A 217 1.74 39.13 10.24
CA LEU A 217 3.11 39.23 10.74
C LEU A 217 4.00 40.07 9.80
N THR A 218 4.45 41.21 10.31
CA THR A 218 5.29 42.13 9.53
C THR A 218 6.80 41.84 9.56
N THR A 219 7.29 41.25 10.65
CA THR A 219 8.71 40.92 10.74
C THR A 219 8.90 39.42 10.96
N PRO A 220 8.65 38.63 9.90
CA PRO A 220 8.79 37.18 9.99
C PRO A 220 10.24 36.72 10.06
N THR A 221 10.76 36.65 11.27
CA THR A 221 12.13 36.21 11.46
C THR A 221 12.22 34.74 11.03
N TYR A 222 13.44 34.21 10.90
CA TYR A 222 13.59 32.81 10.52
C TYR A 222 12.88 31.97 11.58
N GLY A 223 13.22 32.22 12.84
CA GLY A 223 12.61 31.46 13.92
C GLY A 223 11.17 31.15 13.62
N ASP A 224 10.47 32.14 13.08
CA ASP A 224 9.07 32.00 12.73
C ASP A 224 8.93 30.94 11.67
N LEU A 225 9.36 31.24 10.45
CA LEU A 225 9.27 30.29 9.35
C LEU A 225 9.45 28.90 9.92
N ASN A 226 10.62 28.69 10.53
CA ASN A 226 10.95 27.42 11.13
C ASN A 226 9.78 26.94 11.99
N HIS A 227 9.36 27.82 12.89
CA HIS A 227 8.26 27.53 13.77
C HIS A 227 7.01 27.03 13.04
N LEU A 228 6.65 27.71 11.96
CA LEU A 228 5.50 27.32 11.18
C LEU A 228 5.68 25.91 10.61
N VAL A 229 6.83 25.69 10.02
CA VAL A 229 7.17 24.39 9.43
C VAL A 229 7.03 23.28 10.48
N SER A 230 7.77 23.47 11.56
CA SER A 230 7.81 22.52 12.69
C SER A 230 6.38 22.20 13.16
N ALA A 231 5.49 23.12 12.88
CA ALA A 231 4.07 23.00 13.26
C ALA A 231 3.39 21.89 12.45
N THR A 232 3.83 21.79 11.20
CA THR A 232 3.29 20.82 10.25
C THR A 232 3.84 19.42 10.49
N MET A 233 5.14 19.34 10.71
CA MET A 233 5.82 18.05 10.93
C MET A 233 5.38 17.41 12.26
N SER A 234 4.72 18.21 13.08
CA SER A 234 4.20 17.74 14.38
C SER A 234 2.81 17.12 14.16
N GLY A 235 2.09 17.72 13.24
CA GLY A 235 0.74 17.28 12.87
C GLY A 235 0.83 15.93 12.17
N VAL A 236 1.87 15.81 11.37
CA VAL A 236 2.17 14.59 10.59
C VAL A 236 2.40 13.42 11.54
N THR A 237 3.67 13.29 11.91
CA THR A 237 4.14 12.22 12.79
C THR A 237 3.42 12.25 14.14
N THR A 238 4.21 12.62 15.14
CA THR A 238 3.78 12.71 16.55
C THR A 238 2.28 12.62 16.71
N CYS A 239 1.59 13.50 15.99
CA CYS A 239 0.14 13.55 16.02
C CYS A 239 -0.47 12.17 15.88
N LEU A 240 -0.32 11.58 14.70
CA LEU A 240 -0.89 10.26 14.44
C LEU A 240 -0.50 9.21 15.44
N ARG A 241 0.49 9.51 16.26
CA ARG A 241 0.92 8.57 17.28
C ARG A 241 0.09 8.87 18.50
N PHE A 242 -1.11 9.38 18.24
CA PHE A 242 -2.10 9.71 19.23
C PHE A 242 -3.32 8.92 18.83
N PRO A 243 -4.33 8.84 19.70
CA PRO A 243 -5.54 8.08 19.38
C PRO A 243 -6.31 8.82 18.31
N GLY A 244 -7.43 8.26 17.88
CA GLY A 244 -8.25 8.89 16.87
C GLY A 244 -9.34 7.97 16.38
N GLN A 245 -10.45 8.55 15.94
CA GLN A 245 -11.54 7.71 15.46
C GLN A 245 -10.96 6.91 14.32
N LEU A 246 -10.19 7.60 13.49
CA LEU A 246 -9.53 6.99 12.34
C LEU A 246 -8.10 7.46 12.29
N ASN A 247 -7.20 6.73 12.93
CA ASN A 247 -5.82 7.15 12.92
C ASN A 247 -5.00 6.40 11.91
N ALA A 248 -3.92 7.05 11.49
CA ALA A 248 -3.00 6.50 10.53
C ALA A 248 -1.62 6.65 11.16
N ASP A 249 -0.57 6.34 10.40
CA ASP A 249 0.80 6.45 10.87
C ASP A 249 1.71 6.35 9.66
N LEU A 250 2.80 7.11 9.68
CA LEU A 250 3.76 7.17 8.59
C LEU A 250 3.45 6.24 7.43
N ARG A 251 3.35 4.95 7.69
CA ARG A 251 3.03 4.05 6.60
C ARG A 251 1.70 4.39 5.95
N LYS A 252 0.59 4.31 6.69
CA LYS A 252 -0.71 4.64 6.10
C LYS A 252 -0.44 5.83 5.19
N LEU A 253 0.12 6.88 5.79
CA LEU A 253 0.44 8.10 5.05
C LEU A 253 1.25 7.77 3.82
N ALA A 254 2.21 6.86 3.98
CA ALA A 254 3.02 6.48 2.85
C ALA A 254 2.23 5.57 1.91
N VAL A 255 1.63 4.52 2.46
CA VAL A 255 0.89 3.58 1.64
C VAL A 255 -0.42 4.10 1.06
N ASN A 256 -0.70 5.38 1.22
CA ASN A 256 -1.94 5.96 0.68
C ASN A 256 -1.55 7.13 -0.18
N MET A 257 -0.30 7.53 -0.08
CA MET A 257 0.14 8.70 -0.79
C MET A 257 1.10 8.51 -1.92
N VAL A 258 1.73 7.36 -1.99
CA VAL A 258 2.67 7.16 -3.06
C VAL A 258 2.20 6.13 -4.05
N PRO A 259 1.63 6.59 -5.18
CA PRO A 259 1.16 5.65 -6.18
C PRO A 259 2.35 5.01 -6.87
N PHE A 260 3.39 5.80 -7.13
CA PHE A 260 4.52 5.23 -7.84
C PHE A 260 5.89 5.52 -7.20
N PRO A 261 6.58 4.46 -6.78
CA PRO A 261 7.89 4.33 -6.14
C PRO A 261 8.92 5.45 -6.17
N ARG A 262 8.77 6.42 -7.07
CA ARG A 262 9.76 7.51 -7.10
C ARG A 262 10.07 7.92 -5.67
N LEU A 263 9.02 8.09 -4.89
CA LEU A 263 9.06 8.48 -3.49
C LEU A 263 8.11 9.65 -3.44
N HIS A 264 8.16 10.44 -4.50
CA HIS A 264 7.30 11.59 -4.59
C HIS A 264 7.38 12.51 -3.39
N PHE A 265 7.24 13.78 -3.69
CA PHE A 265 7.35 14.80 -2.69
C PHE A 265 6.00 15.44 -2.53
N PHE A 266 5.73 15.85 -1.30
CA PHE A 266 4.47 16.44 -0.94
C PHE A 266 4.63 17.92 -0.67
N MET A 267 3.58 18.52 -0.12
CA MET A 267 3.60 19.92 0.19
C MET A 267 2.68 20.05 1.36
N PRO A 268 3.24 20.25 2.56
CA PRO A 268 2.46 20.37 3.79
C PRO A 268 1.72 21.70 3.97
N GLY A 269 0.57 21.63 4.63
CA GLY A 269 -0.24 22.82 4.88
C GLY A 269 -0.93 22.67 6.23
N PHE A 270 -0.85 23.69 7.06
CA PHE A 270 -1.47 23.66 8.37
C PHE A 270 -2.90 24.19 8.27
N ALA A 271 -3.71 23.91 9.29
CA ALA A 271 -5.09 24.37 9.28
C ALA A 271 -5.35 25.75 9.85
N PRO A 272 -5.61 25.85 11.17
CA PRO A 272 -5.87 27.20 11.66
C PRO A 272 -4.66 28.08 11.50
N LEU A 273 -4.66 28.92 10.47
CA LEU A 273 -3.55 29.81 10.29
C LEU A 273 -4.08 31.22 10.27
N THR A 274 -4.55 31.67 11.43
CA THR A 274 -5.13 33.00 11.57
C THR A 274 -4.23 33.91 12.42
N SER A 275 -4.20 35.20 12.08
CA SER A 275 -3.39 36.18 12.83
C SER A 275 -3.83 36.20 14.28
N ARG A 276 -2.94 36.55 15.19
CA ARG A 276 -3.27 36.53 16.61
C ARG A 276 -4.60 37.11 17.08
N GLY A 277 -4.57 38.28 17.73
CA GLY A 277 -5.79 38.90 18.23
C GLY A 277 -7.03 38.79 17.36
N SER A 278 -7.33 39.84 16.61
CA SER A 278 -8.47 39.93 15.70
C SER A 278 -8.92 38.64 15.07
N GLN A 279 -8.34 38.31 13.93
CA GLN A 279 -8.65 37.11 13.17
C GLN A 279 -9.24 35.96 13.95
N GLN A 280 -8.81 35.76 15.21
CA GLN A 280 -9.25 34.72 16.15
C GLN A 280 -10.77 34.64 16.02
N TYR A 281 -11.15 34.28 14.80
CA TYR A 281 -12.50 34.17 14.35
C TYR A 281 -13.14 32.89 14.78
N ARG A 282 -12.31 31.88 15.05
CA ARG A 282 -12.83 30.59 15.47
C ARG A 282 -13.60 29.94 14.36
N ALA A 283 -13.69 30.56 13.20
CA ALA A 283 -14.39 29.93 12.09
C ALA A 283 -13.52 28.72 11.85
N LEU A 284 -13.75 27.68 12.64
CA LEU A 284 -12.98 26.46 12.54
C LEU A 284 -13.95 25.30 12.67
N THR A 285 -15.23 25.51 12.35
CA THR A 285 -16.21 24.42 12.48
C THR A 285 -15.63 23.19 11.76
N VAL A 286 -15.06 23.40 10.57
CA VAL A 286 -14.41 22.38 9.74
C VAL A 286 -14.38 22.85 8.29
N PRO A 287 -15.53 23.27 7.76
CA PRO A 287 -15.47 23.73 6.37
C PRO A 287 -14.43 24.81 6.29
N GLU A 288 -14.12 25.39 7.44
CA GLU A 288 -13.16 26.46 7.47
C GLU A 288 -11.76 25.93 7.37
N LEU A 289 -11.52 24.73 7.89
CA LEU A 289 -10.19 24.13 7.80
C LEU A 289 -9.93 23.63 6.38
N THR A 290 -10.91 22.98 5.76
CA THR A 290 -10.72 22.52 4.41
C THR A 290 -10.66 23.74 3.52
N GLN A 291 -11.38 24.78 3.89
CA GLN A 291 -11.34 25.99 3.10
C GLN A 291 -9.85 26.32 3.06
N GLN A 292 -9.29 26.48 4.26
CA GLN A 292 -7.88 26.79 4.41
C GLN A 292 -7.05 25.81 3.57
N MET A 293 -6.57 24.75 4.23
CA MET A 293 -5.76 23.70 3.63
C MET A 293 -5.77 23.59 2.11
N PHE A 294 -6.95 23.55 1.51
CA PHE A 294 -7.03 23.39 0.06
C PHE A 294 -6.93 24.61 -0.83
N ASP A 295 -6.60 25.77 -0.29
CA ASP A 295 -6.46 26.94 -1.14
C ASP A 295 -5.04 26.94 -1.70
N ALA A 296 -4.77 27.82 -2.66
CA ALA A 296 -3.43 27.91 -3.23
C ALA A 296 -2.56 28.36 -2.08
N LYS A 297 -2.48 29.67 -1.85
CA LYS A 297 -1.70 30.17 -0.75
C LYS A 297 -2.04 29.28 0.41
N ASN A 298 -1.07 29.04 1.27
CA ASN A 298 -1.21 28.20 2.44
C ASN A 298 -0.53 26.86 2.20
N MET A 299 0.05 26.70 1.02
CA MET A 299 0.78 25.49 0.70
C MET A 299 2.26 25.83 0.87
N MET A 300 2.87 25.34 1.95
CA MET A 300 4.27 25.64 2.21
C MET A 300 5.18 25.53 1.01
N ALA A 301 4.69 24.85 -0.03
CA ALA A 301 5.44 24.68 -1.26
C ALA A 301 5.45 26.01 -1.99
N ALA A 302 6.22 26.11 -3.06
CA ALA A 302 6.28 27.36 -3.81
C ALA A 302 5.19 27.30 -4.85
N CYS A 303 5.14 26.18 -5.55
CA CYS A 303 4.15 26.02 -6.59
C CYS A 303 2.74 26.06 -6.03
N ASP A 304 1.79 26.31 -6.92
CA ASP A 304 0.39 26.40 -6.57
C ASP A 304 -0.38 25.20 -7.14
N PRO A 305 -1.03 24.44 -6.24
CA PRO A 305 -1.81 23.26 -6.59
C PRO A 305 -2.68 23.51 -7.80
N ARG A 306 -3.32 24.67 -7.81
CA ARG A 306 -4.20 25.05 -8.90
C ARG A 306 -3.51 24.90 -10.25
N HIS A 307 -2.21 24.64 -10.22
CA HIS A 307 -1.42 24.49 -11.44
C HIS A 307 -1.10 23.04 -11.79
N GLY A 308 -1.86 22.11 -11.22
CA GLY A 308 -1.61 20.71 -11.50
C GLY A 308 -2.37 19.77 -10.57
N ARG A 309 -2.99 18.75 -11.15
CA ARG A 309 -3.77 17.75 -10.41
C ARG A 309 -3.07 17.24 -9.16
N TYR A 310 -3.80 16.46 -8.39
CA TYR A 310 -3.26 15.85 -7.19
C TYR A 310 -3.32 14.34 -7.44
N LEU A 311 -2.51 13.59 -6.71
CA LEU A 311 -2.53 12.15 -6.84
C LEU A 311 -3.13 11.68 -5.54
N THR A 312 -2.67 12.29 -4.47
CA THR A 312 -3.15 11.91 -3.16
C THR A 312 -3.15 13.12 -2.27
N VAL A 313 -3.95 13.03 -1.22
CA VAL A 313 -4.07 14.08 -0.27
C VAL A 313 -4.33 13.41 1.07
N ALA A 314 -3.82 14.01 2.14
CA ALA A 314 -4.00 13.41 3.44
C ALA A 314 -4.29 14.49 4.44
N ALA A 315 -5.57 14.70 4.73
CA ALA A 315 -5.92 15.70 5.71
C ALA A 315 -5.80 15.00 7.03
N VAL A 316 -4.68 15.22 7.71
CA VAL A 316 -4.49 14.59 8.99
C VAL A 316 -5.02 15.58 10.06
N PHE A 317 -6.33 15.54 10.33
CA PHE A 317 -6.94 16.41 11.33
C PHE A 317 -6.61 15.88 12.71
N ARG A 318 -6.66 16.77 13.70
CA ARG A 318 -6.39 16.40 15.09
C ARG A 318 -7.13 17.31 16.06
N GLY A 319 -8.41 17.00 16.27
CA GLY A 319 -9.27 17.77 17.17
C GLY A 319 -10.67 17.20 16.99
N ARG A 320 -11.36 16.92 18.09
CA ARG A 320 -12.70 16.34 18.05
C ARG A 320 -13.68 16.93 17.00
N MET A 321 -14.08 16.07 16.05
CA MET A 321 -14.99 16.43 14.96
C MET A 321 -15.78 15.22 14.48
N SER A 322 -16.83 15.50 13.72
CA SER A 322 -17.72 14.49 13.18
C SER A 322 -17.18 13.77 11.96
N MET A 323 -16.98 12.46 12.10
CA MET A 323 -16.49 11.64 11.01
C MET A 323 -17.41 11.79 9.84
N LYS A 324 -18.47 12.57 10.06
CA LYS A 324 -19.45 12.84 9.03
C LYS A 324 -19.10 14.18 8.39
N GLU A 325 -18.96 15.24 9.19
CA GLU A 325 -18.64 16.54 8.63
C GLU A 325 -17.23 16.60 8.09
N VAL A 326 -16.48 15.52 8.34
CA VAL A 326 -15.10 15.41 7.86
C VAL A 326 -15.19 14.63 6.58
N ASP A 327 -15.63 13.39 6.70
CA ASP A 327 -15.76 12.53 5.55
C ASP A 327 -16.58 13.20 4.47
N GLU A 328 -17.56 14.01 4.87
CA GLU A 328 -18.42 14.69 3.91
C GLU A 328 -17.70 15.81 3.15
N GLN A 329 -17.29 16.83 3.88
CA GLN A 329 -16.60 17.97 3.30
C GLN A 329 -15.64 17.51 2.21
N MET A 330 -14.71 16.65 2.60
CA MET A 330 -13.71 16.08 1.70
C MET A 330 -14.28 15.78 0.32
N LEU A 331 -15.52 15.31 0.31
CA LEU A 331 -16.19 14.98 -0.93
C LEU A 331 -16.47 16.18 -1.83
N ASN A 332 -17.32 17.09 -1.36
CA ASN A 332 -17.65 18.26 -2.14
C ASN A 332 -16.35 18.79 -2.68
N VAL A 333 -15.35 18.89 -1.80
CA VAL A 333 -14.05 19.37 -2.19
C VAL A 333 -13.55 18.59 -3.40
N GLN A 334 -13.76 17.27 -3.38
CA GLN A 334 -13.34 16.40 -4.47
C GLN A 334 -14.18 16.57 -5.71
N ASN A 335 -15.34 17.20 -5.57
CA ASN A 335 -16.22 17.41 -6.72
C ASN A 335 -16.20 18.83 -7.26
N LYS A 336 -16.01 19.81 -6.38
CA LYS A 336 -15.95 21.20 -6.82
C LYS A 336 -14.69 21.38 -7.65
N ASN A 337 -13.70 20.54 -7.40
CA ASN A 337 -12.43 20.63 -8.08
C ASN A 337 -12.05 19.37 -8.85
N SER A 338 -13.06 18.63 -9.31
CA SER A 338 -12.82 17.41 -10.07
C SER A 338 -11.74 17.67 -11.11
N SER A 339 -11.77 18.89 -11.63
CA SER A 339 -10.82 19.35 -12.63
C SER A 339 -9.42 18.89 -12.19
N TYR A 340 -8.92 19.48 -11.13
CA TYR A 340 -7.61 19.11 -10.64
C TYR A 340 -7.65 18.26 -9.38
N PHE A 341 -7.51 16.97 -9.60
CA PHE A 341 -7.55 15.99 -8.52
C PHE A 341 -7.32 14.62 -9.09
N VAL A 342 -6.92 14.55 -10.37
CA VAL A 342 -6.66 13.30 -11.09
C VAL A 342 -7.86 12.36 -10.95
N GLU A 343 -8.12 11.56 -11.98
CA GLU A 343 -9.30 10.70 -11.94
C GLU A 343 -9.08 9.23 -11.65
N TRP A 344 -8.02 8.64 -12.18
CA TRP A 344 -7.78 7.23 -11.97
C TRP A 344 -7.63 6.80 -10.51
N ILE A 345 -8.06 7.67 -9.60
CA ILE A 345 -8.07 7.38 -8.18
C ILE A 345 -9.42 7.87 -7.74
N PRO A 346 -10.37 6.96 -7.59
CA PRO A 346 -11.71 7.35 -7.16
C PRO A 346 -11.75 8.25 -5.91
N ASN A 347 -10.91 7.95 -4.92
CA ASN A 347 -10.87 8.75 -3.70
C ASN A 347 -9.45 9.16 -3.36
N ASN A 348 -8.96 10.21 -4.02
CA ASN A 348 -7.60 10.70 -3.82
C ASN A 348 -7.35 10.95 -2.35
N VAL A 349 -8.27 11.66 -1.74
CA VAL A 349 -8.14 12.04 -0.36
C VAL A 349 -8.06 10.89 0.64
N LYS A 350 -7.18 11.07 1.63
CA LYS A 350 -6.98 10.10 2.70
C LYS A 350 -7.32 10.87 3.96
N THR A 351 -8.54 10.72 4.42
CA THR A 351 -8.97 11.38 5.63
C THR A 351 -8.37 10.66 6.82
N ALA A 352 -7.79 11.42 7.72
CA ALA A 352 -7.17 10.90 8.91
C ALA A 352 -7.75 11.72 10.02
N VAL A 353 -7.94 11.12 11.19
CA VAL A 353 -8.52 11.87 12.31
C VAL A 353 -8.06 11.49 13.70
N CYS A 354 -7.21 12.34 14.25
CA CYS A 354 -6.71 12.19 15.60
C CYS A 354 -7.82 12.66 16.51
N ASP A 355 -7.49 12.86 17.79
CA ASP A 355 -8.46 13.35 18.75
C ASP A 355 -7.91 14.62 19.38
N ILE A 356 -6.95 14.46 20.26
CA ILE A 356 -6.34 15.63 20.92
C ILE A 356 -5.75 16.55 19.86
N PRO A 357 -6.02 17.86 19.97
CA PRO A 357 -5.53 18.86 19.02
C PRO A 357 -4.24 19.53 19.47
N PRO A 358 -3.75 20.51 18.70
CA PRO A 358 -2.52 21.20 19.08
C PRO A 358 -2.75 21.91 20.40
N ARG A 359 -2.05 21.42 21.43
CA ARG A 359 -2.14 21.94 22.79
C ARG A 359 -3.16 23.06 23.00
N GLY A 360 -2.81 24.28 22.59
CA GLY A 360 -3.71 25.41 22.81
C GLY A 360 -4.87 25.67 21.87
N LEU A 361 -5.00 24.86 20.83
CA LEU A 361 -6.05 25.07 19.84
C LEU A 361 -7.21 24.09 19.98
N LYS A 362 -8.36 24.45 19.39
CA LYS A 362 -9.54 23.60 19.44
C LYS A 362 -9.61 22.58 18.30
N MET A 363 -9.19 22.99 17.12
CA MET A 363 -9.24 22.10 15.97
C MET A 363 -8.27 22.52 14.87
N SER A 364 -7.45 21.55 14.44
CA SER A 364 -6.45 21.75 13.39
C SER A 364 -6.48 20.56 12.44
N ALA A 365 -5.68 20.63 11.38
CA ALA A 365 -5.60 19.55 10.37
C ALA A 365 -4.44 19.74 9.42
N THR A 366 -3.44 18.89 9.56
CA THR A 366 -2.28 18.95 8.71
C THR A 366 -2.65 18.42 7.33
N PHE A 367 -2.09 19.04 6.31
CA PHE A 367 -2.36 18.67 4.93
C PHE A 367 -1.07 18.21 4.28
N ILE A 368 -1.11 17.05 3.66
CA ILE A 368 0.05 16.51 3.01
C ILE A 368 -0.36 16.19 1.60
N GLY A 369 -0.11 17.13 0.70
CA GLY A 369 -0.51 16.92 -0.68
C GLY A 369 0.54 16.39 -1.64
N ASN A 370 0.14 15.42 -2.45
CA ASN A 370 1.03 14.84 -3.44
C ASN A 370 0.63 15.32 -4.80
N SER A 371 0.63 16.63 -5.02
CA SER A 371 0.21 17.12 -6.32
C SER A 371 1.29 17.16 -7.37
N THR A 372 0.82 17.01 -8.61
CA THR A 372 1.65 17.00 -9.81
C THR A 372 2.17 18.39 -10.05
N ALA A 373 1.70 19.33 -9.26
CA ALA A 373 2.13 20.71 -9.40
C ALA A 373 3.59 20.87 -9.10
N ILE A 374 4.10 20.07 -8.18
CA ILE A 374 5.49 20.19 -7.80
C ILE A 374 6.40 19.90 -8.96
N GLN A 375 5.82 19.69 -10.12
CA GLN A 375 6.59 19.46 -11.32
C GLN A 375 7.26 20.82 -11.57
N GLU A 376 6.45 21.86 -11.56
CA GLU A 376 6.90 23.21 -11.77
C GLU A 376 7.83 23.75 -10.69
N LEU A 377 8.66 22.91 -10.13
CA LEU A 377 9.63 23.39 -9.14
C LEU A 377 10.94 22.73 -9.43
N PHE A 378 10.88 21.43 -9.69
CA PHE A 378 12.07 20.70 -10.03
C PHE A 378 12.44 21.21 -11.40
N LYS A 379 11.46 21.74 -12.12
CA LYS A 379 11.70 22.33 -13.42
C LYS A 379 12.63 23.48 -13.11
N ARG A 380 12.12 24.40 -12.31
CA ARG A 380 12.86 25.57 -11.88
C ARG A 380 14.29 25.17 -11.59
N ILE A 381 14.46 24.45 -10.49
CA ILE A 381 15.77 23.99 -10.09
C ILE A 381 16.55 23.51 -11.29
N SER A 382 16.03 22.48 -11.95
CA SER A 382 16.69 21.90 -13.11
C SER A 382 17.10 22.96 -14.13
N GLU A 383 16.27 23.97 -14.32
CA GLU A 383 16.63 25.04 -15.25
C GLU A 383 17.92 25.71 -14.77
N GLN A 384 17.84 26.36 -13.60
CA GLN A 384 18.97 27.06 -13.00
C GLN A 384 20.28 26.29 -13.20
N PHE A 385 20.21 24.98 -13.07
CA PHE A 385 21.38 24.13 -13.23
C PHE A 385 21.94 24.38 -14.61
N THR A 386 21.31 23.77 -15.61
CA THR A 386 21.71 23.90 -17.00
C THR A 386 22.23 25.30 -17.39
N ALA A 387 21.47 26.34 -17.08
CA ALA A 387 21.86 27.71 -17.42
C ALA A 387 23.25 28.03 -16.90
N MET A 388 23.64 27.37 -15.82
CA MET A 388 24.95 27.59 -15.22
C MET A 388 25.89 26.43 -15.42
N PHE A 389 25.30 25.25 -15.54
CA PHE A 389 26.15 24.12 -15.76
C PHE A 389 26.78 24.38 -17.09
N ARG A 390 25.95 24.66 -18.09
CA ARG A 390 26.46 24.92 -19.42
C ARG A 390 27.83 25.61 -19.39
N ARG A 391 28.02 26.56 -18.49
CA ARG A 391 29.29 27.27 -18.41
C ARG A 391 30.19 26.78 -17.28
N LYS A 392 29.77 25.68 -16.64
CA LYS A 392 30.53 25.07 -15.53
C LYS A 392 30.84 26.06 -14.42
N ALA A 393 29.99 27.09 -14.33
CA ALA A 393 30.11 28.17 -13.36
C ALA A 393 31.02 27.88 -12.19
N PHE A 394 30.47 27.66 -11.01
CA PHE A 394 31.33 27.38 -9.87
C PHE A 394 31.53 25.88 -9.75
N LEU A 395 31.97 25.28 -10.85
CA LEU A 395 32.17 23.86 -10.84
C LEU A 395 33.51 23.45 -10.25
N HIS A 396 34.53 24.29 -10.40
CA HIS A 396 35.84 23.94 -9.88
C HIS A 396 35.84 23.65 -8.37
N TRP A 397 34.88 24.21 -7.65
CA TRP A 397 34.77 24.00 -6.21
C TRP A 397 34.23 22.61 -5.92
N TYR A 398 33.70 21.96 -6.95
CA TYR A 398 33.16 20.62 -6.78
C TYR A 398 34.24 19.66 -7.20
N THR A 399 34.57 19.68 -8.49
CA THR A 399 35.60 18.81 -9.04
C THR A 399 36.86 18.86 -8.18
N GLY A 400 37.35 20.07 -7.94
CA GLY A 400 38.55 20.26 -7.13
C GLY A 400 38.44 19.58 -5.78
N GLU A 401 37.23 19.08 -5.48
CA GLU A 401 36.98 18.40 -4.24
C GLU A 401 36.79 16.91 -4.53
N GLY A 402 37.25 16.48 -5.69
CA GLY A 402 37.08 15.08 -6.03
C GLY A 402 35.63 14.83 -6.35
N MET A 403 35.23 15.24 -7.55
CA MET A 403 33.88 15.06 -8.03
C MET A 403 34.01 14.56 -9.45
N ASP A 404 32.92 14.56 -10.20
CA ASP A 404 32.94 14.08 -11.56
C ASP A 404 32.07 14.97 -12.46
N GLU A 405 32.48 15.12 -13.72
CA GLU A 405 31.73 15.93 -14.68
C GLU A 405 30.51 15.15 -15.12
N MET A 406 30.51 13.86 -14.80
CA MET A 406 29.42 12.97 -15.14
C MET A 406 28.44 12.86 -13.94
N GLU A 407 28.91 13.28 -12.77
CA GLU A 407 28.09 13.25 -11.57
C GLU A 407 26.95 14.27 -11.67
N PHE A 408 27.32 15.49 -12.06
CA PHE A 408 26.35 16.55 -12.24
C PHE A 408 25.41 16.17 -13.34
N THR A 409 25.95 15.59 -14.40
CA THR A 409 25.11 15.18 -15.53
C THR A 409 24.04 14.26 -14.99
N GLU A 410 24.50 13.23 -14.31
CA GLU A 410 23.65 12.24 -13.69
C GLU A 410 22.45 12.84 -12.97
N ALA A 411 22.74 13.52 -11.88
CA ALA A 411 21.70 14.14 -11.08
C ALA A 411 20.68 14.93 -11.89
N GLU A 412 21.14 15.96 -12.59
CA GLU A 412 20.21 16.74 -13.38
C GLU A 412 19.26 15.84 -14.13
N SER A 413 19.82 15.01 -15.01
CA SER A 413 19.02 14.09 -15.80
C SER A 413 18.01 13.44 -14.88
N ASN A 414 18.50 12.58 -13.98
CA ASN A 414 17.66 11.89 -13.01
C ASN A 414 16.55 12.80 -12.56
N MET A 415 16.90 13.78 -11.72
CA MET A 415 15.91 14.71 -11.22
C MET A 415 15.12 15.38 -12.33
N ASN A 416 15.76 15.52 -13.49
CA ASN A 416 15.11 16.13 -14.65
C ASN A 416 14.03 15.20 -15.21
N ASP A 417 14.33 13.91 -15.24
CA ASP A 417 13.40 12.90 -15.70
C ASP A 417 12.23 12.89 -14.71
N LEU A 418 12.59 13.02 -13.44
CA LEU A 418 11.64 13.03 -12.35
C LEU A 418 10.51 14.03 -12.62
N VAL A 419 10.84 15.10 -13.34
CA VAL A 419 9.88 16.13 -13.72
C VAL A 419 8.96 15.52 -14.75
N SER A 420 9.58 14.91 -15.74
CA SER A 420 8.88 14.23 -16.81
C SER A 420 7.73 13.38 -16.26
N GLU A 421 8.12 12.31 -15.62
CA GLU A 421 7.21 11.32 -15.02
C GLU A 421 5.98 11.99 -14.40
N TYR A 422 6.24 12.86 -13.46
CA TYR A 422 5.20 13.55 -12.69
C TYR A 422 4.11 14.15 -13.60
N GLN A 423 4.48 14.41 -14.83
CA GLN A 423 3.54 14.98 -15.81
C GLN A 423 2.65 13.88 -16.39
N GLN A 424 3.20 12.68 -16.36
CA GLN A 424 2.54 11.47 -16.89
C GLN A 424 1.19 11.22 -16.23
N TYR A 425 0.93 11.97 -15.17
CA TYR A 425 -0.30 11.82 -14.39
C TYR A 425 -1.15 13.09 -14.47
N GLN A 426 -0.49 14.21 -14.61
CA GLN A 426 -1.18 15.49 -14.79
C GLN A 426 -2.01 15.36 -16.07
N ASP A 427 -1.70 14.32 -16.84
CA ASP A 427 -2.38 14.01 -18.10
C ASP A 427 -2.94 12.58 -18.09
N ARG B 2 -24.64 -24.38 20.50
CA ARG B 2 -25.50 -23.38 21.19
C ARG B 2 -24.94 -21.96 21.14
N GLU B 3 -23.65 -21.81 21.42
CA GLU B 3 -23.04 -20.48 21.41
C GLU B 3 -22.52 -20.09 20.04
N CYS B 4 -21.90 -18.92 19.99
CA CYS B 4 -21.34 -18.37 18.76
C CYS B 4 -20.23 -17.40 19.12
N ILE B 5 -18.98 -17.84 19.00
CA ILE B 5 -17.86 -16.95 19.31
C ILE B 5 -17.88 -15.79 18.33
N SER B 6 -17.06 -14.78 18.60
CA SER B 6 -16.97 -13.62 17.74
C SER B 6 -15.56 -13.08 17.73
N ILE B 7 -15.08 -12.78 16.53
CA ILE B 7 -13.74 -12.25 16.34
C ILE B 7 -13.80 -10.90 15.67
N HIS B 8 -13.63 -9.86 16.46
CA HIS B 8 -13.67 -8.50 15.96
C HIS B 8 -12.30 -8.12 15.43
N VAL B 9 -12.18 -8.08 14.11
CA VAL B 9 -10.89 -7.76 13.48
C VAL B 9 -10.83 -6.39 12.79
N GLY B 10 -9.71 -5.70 13.03
CA GLY B 10 -9.50 -4.38 12.46
C GLY B 10 -9.96 -3.31 13.41
N GLN B 11 -9.29 -2.17 13.47
CA GLN B 11 -9.72 -1.12 14.39
C GLN B 11 -11.22 -1.01 14.34
N ALA B 12 -11.76 -0.78 13.15
CA ALA B 12 -13.21 -0.64 12.99
C ALA B 12 -13.97 -1.79 13.63
N GLY B 13 -13.72 -3.00 13.15
CA GLY B 13 -14.39 -4.18 13.66
C GLY B 13 -14.29 -4.25 15.17
N VAL B 14 -13.35 -3.49 15.71
CA VAL B 14 -13.11 -3.43 17.14
C VAL B 14 -13.94 -2.29 17.78
N GLN B 15 -14.09 -1.19 17.05
CA GLN B 15 -14.86 -0.05 17.53
C GLN B 15 -16.33 -0.49 17.54
N ILE B 16 -16.73 -1.09 16.43
CA ILE B 16 -18.07 -1.62 16.28
C ILE B 16 -18.21 -2.70 17.34
N GLY B 17 -17.13 -3.42 17.57
CA GLY B 17 -17.13 -4.48 18.57
C GLY B 17 -17.41 -3.93 19.94
N ASN B 18 -16.65 -2.92 20.34
CA ASN B 18 -16.84 -2.32 21.65
C ASN B 18 -18.31 -1.90 21.79
N ALA B 19 -18.89 -1.45 20.68
CA ALA B 19 -20.27 -0.98 20.63
C ALA B 19 -21.30 -2.10 20.79
N CYS B 20 -21.23 -3.07 19.89
CA CYS B 20 -22.12 -4.22 19.93
C CYS B 20 -21.92 -4.87 21.27
N TRP B 21 -20.69 -4.85 21.75
CA TRP B 21 -20.41 -5.47 23.03
C TRP B 21 -21.00 -4.67 24.16
N GLU B 22 -21.17 -3.38 23.94
CA GLU B 22 -21.77 -2.52 24.95
C GLU B 22 -23.25 -2.85 25.05
N LEU B 23 -23.97 -2.60 23.96
CA LEU B 23 -25.39 -2.85 23.93
C LEU B 23 -25.70 -4.13 24.69
N TYR B 24 -24.83 -5.13 24.54
CA TYR B 24 -25.05 -6.41 25.20
C TYR B 24 -25.33 -6.34 26.69
N CYS B 25 -24.28 -6.20 27.49
CA CYS B 25 -24.44 -6.14 28.93
C CYS B 25 -25.59 -5.24 29.29
N LEU B 26 -25.71 -4.14 28.54
CA LEU B 26 -26.74 -3.14 28.76
C LEU B 26 -28.16 -3.72 28.83
N GLU B 27 -28.40 -4.78 28.07
CA GLU B 27 -29.71 -5.42 28.05
C GLU B 27 -29.66 -6.80 28.69
N HIS B 28 -28.64 -7.02 29.51
CA HIS B 28 -28.47 -8.28 30.22
C HIS B 28 -28.13 -8.04 31.69
N GLY B 29 -28.22 -6.79 32.10
CA GLY B 29 -27.96 -6.41 33.49
C GLY B 29 -26.60 -6.78 34.05
N ILE B 30 -25.58 -6.77 33.20
CA ILE B 30 -24.21 -7.07 33.62
C ILE B 30 -23.34 -5.83 33.51
N GLN B 31 -23.18 -5.11 34.62
CA GLN B 31 -22.36 -3.90 34.65
C GLN B 31 -21.00 -4.14 34.02
N PRO B 32 -20.30 -3.05 33.70
CA PRO B 32 -18.97 -3.14 33.08
C PRO B 32 -18.01 -3.98 33.93
N ASP B 33 -18.40 -4.26 35.16
CA ASP B 33 -17.56 -5.06 36.06
C ASP B 33 -17.71 -6.57 35.83
N GLY B 34 -18.45 -6.94 34.80
CA GLY B 34 -18.69 -8.33 34.48
C GLY B 34 -19.87 -8.94 35.24
N GLN B 35 -20.13 -8.47 36.47
CA GLN B 35 -21.15 -9.05 37.35
C GLN B 35 -22.53 -8.53 36.98
N MET B 36 -23.51 -9.43 36.96
CA MET B 36 -24.94 -9.09 36.90
C MET B 36 -25.57 -9.55 38.21
N PRO B 37 -26.63 -8.89 38.66
CA PRO B 37 -27.48 -9.40 39.75
C PRO B 37 -28.84 -9.97 39.34
N ASP B 47 -29.09 -21.46 31.29
CA ASP B 47 -28.24 -20.81 30.27
C ASP B 47 -28.78 -19.45 29.70
N SER B 48 -29.85 -19.50 28.90
CA SER B 48 -30.44 -18.33 28.17
C SER B 48 -29.47 -17.69 27.15
N PHE B 49 -28.53 -16.90 27.69
CA PHE B 49 -27.60 -16.01 26.95
C PHE B 49 -26.17 -16.49 27.00
N ASN B 50 -26.00 -17.64 27.60
CA ASN B 50 -24.72 -18.33 27.69
C ASN B 50 -24.04 -18.58 26.35
N THR B 51 -24.79 -18.40 25.26
CA THR B 51 -24.25 -18.61 23.92
C THR B 51 -23.44 -17.41 23.46
N PHE B 52 -23.05 -16.57 24.41
CA PHE B 52 -22.27 -15.36 24.11
C PHE B 52 -21.48 -14.89 25.32
N PHE B 53 -21.66 -15.59 26.44
CA PHE B 53 -20.97 -15.24 27.68
C PHE B 53 -20.69 -16.47 28.53
N SER B 54 -19.45 -16.61 28.98
CA SER B 54 -19.05 -17.76 29.82
C SER B 54 -18.99 -17.37 31.29
N GLU B 55 -19.63 -18.17 32.15
CA GLU B 55 -19.79 -17.81 33.56
C GLU B 55 -18.51 -18.07 34.41
N THR B 56 -17.37 -17.62 33.89
CA THR B 56 -16.10 -17.79 34.58
C THR B 56 -16.29 -17.81 36.10
N GLY B 57 -16.86 -18.90 36.60
CA GLY B 57 -17.10 -19.04 38.03
C GLY B 57 -18.53 -18.71 38.40
N ALA B 58 -18.70 -17.78 39.34
CA ALA B 58 -17.57 -17.10 39.96
C ALA B 58 -17.94 -15.67 40.35
N GLY B 59 -18.95 -15.12 39.68
CA GLY B 59 -19.40 -13.76 39.95
C GLY B 59 -19.24 -12.86 38.75
N LYS B 60 -18.42 -13.29 37.79
CA LYS B 60 -18.16 -12.50 36.60
C LYS B 60 -18.80 -13.10 35.36
N HIS B 61 -18.56 -12.49 34.21
CA HIS B 61 -19.12 -12.96 32.95
C HIS B 61 -18.05 -13.05 31.87
N VAL B 62 -17.31 -11.97 31.67
CA VAL B 62 -16.26 -11.94 30.66
C VAL B 62 -16.84 -11.91 29.26
N PRO B 63 -15.96 -11.88 28.26
CA PRO B 63 -16.39 -11.86 26.86
C PRO B 63 -16.21 -13.22 26.18
N ARG B 64 -17.10 -13.55 25.26
CA ARG B 64 -17.03 -14.82 24.56
C ARG B 64 -16.53 -14.51 23.16
N ALA B 65 -15.51 -13.65 23.09
CA ALA B 65 -14.96 -13.24 21.80
C ALA B 65 -13.51 -12.82 21.91
N VAL B 66 -12.98 -12.31 20.82
CA VAL B 66 -11.59 -11.84 20.82
C VAL B 66 -11.44 -10.57 20.01
N PHE B 67 -10.29 -9.92 20.17
CA PHE B 67 -10.01 -8.67 19.47
C PHE B 67 -8.63 -8.65 18.80
N VAL B 68 -8.63 -8.52 17.48
CA VAL B 68 -7.39 -8.52 16.70
C VAL B 68 -7.09 -7.21 15.96
N ASP B 69 -5.91 -6.16 16.47
CA ASP B 69 -5.54 -5.00 15.66
C ASP B 69 -4.03 -4.93 15.66
N LEU B 70 -3.46 -4.50 14.56
CA LEU B 70 -2.00 -4.46 14.48
C LEU B 70 -1.35 -3.16 15.07
N GLU B 71 -2.12 -2.07 15.18
CA GLU B 71 -1.77 -0.91 16.01
C GLU B 71 -2.47 -1.02 17.38
N PRO B 72 -1.77 -0.69 18.44
CA PRO B 72 -2.34 -0.79 19.80
C PRO B 72 -3.43 0.22 20.08
N THR B 73 -3.25 1.46 19.63
CA THR B 73 -4.18 2.59 19.81
C THR B 73 -5.62 2.25 20.18
N VAL B 74 -6.25 1.41 19.37
CA VAL B 74 -7.69 1.17 19.41
C VAL B 74 -8.15 0.13 20.44
N ILE B 75 -7.41 -0.96 20.53
CA ILE B 75 -7.63 -1.96 21.57
C ILE B 75 -7.19 -1.41 22.91
N ASP B 76 -6.19 -0.53 22.89
CA ASP B 76 -5.78 0.15 24.09
C ASP B 76 -6.91 0.90 24.77
N GLU B 77 -7.62 1.72 23.98
CA GLU B 77 -8.74 2.50 24.49
C GLU B 77 -9.80 1.63 25.22
N VAL B 78 -10.03 0.39 24.76
CA VAL B 78 -10.92 -0.57 25.42
C VAL B 78 -10.47 -0.86 26.83
N ARG B 79 -9.17 -1.10 27.00
CA ARG B 79 -8.58 -1.32 28.33
C ARG B 79 -8.27 -0.03 29.07
N THR B 80 -9.00 1.04 28.77
CA THR B 80 -9.02 2.27 29.58
C THR B 80 -10.44 2.56 30.14
N GLY B 81 -11.42 2.54 29.23
CA GLY B 81 -12.78 2.94 29.53
C GLY B 81 -13.65 1.81 29.99
N THR B 82 -14.33 2.02 31.13
CA THR B 82 -15.16 1.00 31.79
C THR B 82 -15.73 0.07 30.75
N TYR B 83 -15.60 -1.22 31.05
CA TYR B 83 -15.60 -2.33 30.10
C TYR B 83 -14.20 -2.85 30.16
N ARG B 84 -13.28 -1.97 30.55
CA ARG B 84 -11.93 -2.36 30.87
C ARG B 84 -11.97 -3.62 31.72
N GLN B 85 -12.97 -3.67 32.59
CA GLN B 85 -13.14 -4.79 33.51
C GLN B 85 -13.79 -6.01 32.86
N LEU B 86 -14.35 -5.84 31.66
CA LEU B 86 -15.26 -6.81 31.07
C LEU B 86 -14.59 -8.00 30.43
N PHE B 87 -13.63 -7.72 29.56
CA PHE B 87 -12.92 -8.78 28.89
C PHE B 87 -11.78 -9.30 29.74
N HIS B 88 -11.17 -10.40 29.34
CA HIS B 88 -9.96 -10.90 29.97
C HIS B 88 -8.72 -10.23 29.38
N PRO B 89 -7.79 -9.83 30.24
CA PRO B 89 -6.63 -9.09 29.77
C PRO B 89 -6.11 -9.83 28.58
N GLU B 90 -6.27 -11.15 28.55
CA GLU B 90 -5.75 -11.91 27.44
C GLU B 90 -6.45 -11.67 26.13
N GLN B 91 -7.77 -11.74 26.10
CA GLN B 91 -8.46 -11.84 24.81
C GLN B 91 -8.32 -10.69 23.81
N LEU B 92 -7.65 -9.60 24.21
CA LEU B 92 -7.42 -8.45 23.33
C LEU B 92 -5.99 -8.36 22.83
N ILE B 93 -5.82 -9.51 21.23
CA ILE B 93 -4.59 -9.72 20.48
C ILE B 93 -4.16 -8.43 19.77
N THR B 94 -2.86 -8.15 19.83
CA THR B 94 -2.28 -6.97 19.21
C THR B 94 -0.90 -7.28 18.63
N GLY B 95 -0.53 -6.56 17.58
CA GLY B 95 0.76 -6.72 16.96
C GLY B 95 1.40 -5.34 16.91
N LYS B 96 1.97 -4.92 18.02
CA LYS B 96 2.63 -3.60 18.16
C LYS B 96 3.17 -3.05 16.85
N GLU B 97 3.49 -3.96 15.95
CA GLU B 97 4.05 -3.63 14.65
C GLU B 97 3.26 -2.60 13.89
N ASP B 98 3.00 -2.88 12.62
CA ASP B 98 2.31 -1.92 11.79
C ASP B 98 1.03 -2.45 11.13
N ALA B 99 0.02 -1.59 11.10
CA ALA B 99 -1.25 -1.93 10.51
C ALA B 99 -1.17 -2.04 8.97
N ALA B 100 -0.95 -0.88 8.33
CA ALA B 100 -0.81 -0.78 6.88
C ALA B 100 -2.12 -0.92 6.18
N ASN B 101 -2.60 0.15 5.56
CA ASN B 101 -3.88 0.04 4.90
C ASN B 101 -3.82 -0.75 3.62
N ASN B 102 -3.10 -1.87 3.69
CA ASN B 102 -3.00 -2.71 2.53
C ASN B 102 -3.13 -4.18 2.86
N TYR B 103 -4.08 -4.80 2.16
CA TYR B 103 -4.40 -6.20 2.26
C TYR B 103 -3.11 -7.02 2.42
N ALA B 104 -2.42 -7.24 1.32
CA ALA B 104 -1.17 -7.99 1.29
C ALA B 104 -0.44 -8.07 2.62
N ARG B 105 0.10 -6.93 3.04
CA ARG B 105 0.83 -6.83 4.28
C ARG B 105 0.05 -7.42 5.44
N GLY B 106 -1.21 -7.04 5.56
CA GLY B 106 -2.01 -7.57 6.65
C GLY B 106 -2.32 -9.06 6.54
N HIS B 107 -2.52 -9.54 5.34
CA HIS B 107 -2.83 -10.95 5.13
C HIS B 107 -1.53 -11.74 5.20
N TYR B 108 -0.70 -11.56 4.18
CA TYR B 108 0.59 -12.24 4.07
C TYR B 108 1.60 -11.70 5.10
N THR B 109 2.68 -11.11 4.60
CA THR B 109 3.75 -10.54 5.42
C THR B 109 3.48 -10.38 6.91
N ILE B 110 3.01 -9.23 7.36
CA ILE B 110 2.81 -9.04 8.78
C ILE B 110 1.69 -9.88 9.37
N GLY B 111 0.45 -9.55 9.05
CA GLY B 111 -0.68 -10.29 9.60
C GLY B 111 -0.43 -11.76 9.91
N LYS B 112 0.44 -12.39 9.13
CA LYS B 112 0.74 -13.81 9.32
C LYS B 112 1.25 -14.11 10.72
N GLU B 113 2.33 -13.44 11.11
CA GLU B 113 2.93 -13.64 12.41
C GLU B 113 1.96 -13.80 13.59
N ILE B 114 0.88 -13.04 13.57
CA ILE B 114 -0.10 -13.06 14.65
C ILE B 114 -1.13 -14.19 14.58
N ILE B 115 -1.60 -14.47 13.39
CA ILE B 115 -2.62 -15.48 13.15
C ILE B 115 -2.59 -16.68 14.08
N ASP B 116 -1.47 -17.41 14.11
CA ASP B 116 -1.35 -18.57 15.00
C ASP B 116 -2.00 -18.17 16.31
N LEU B 117 -1.30 -17.31 17.03
CA LEU B 117 -1.73 -16.78 18.30
C LEU B 117 -3.22 -16.47 18.26
N VAL B 118 -3.65 -15.75 17.24
CA VAL B 118 -5.06 -15.40 17.11
C VAL B 118 -5.88 -16.68 17.21
N LEU B 119 -5.66 -17.57 16.24
CA LEU B 119 -6.35 -18.85 16.21
C LEU B 119 -6.40 -19.46 17.59
N ASP B 120 -5.22 -19.64 18.18
CA ASP B 120 -5.12 -20.23 19.51
C ASP B 120 -6.26 -19.84 20.42
N ARG B 121 -6.65 -18.57 20.43
CA ARG B 121 -7.74 -18.15 21.29
C ARG B 121 -9.08 -18.68 20.79
N ILE B 122 -9.30 -18.64 19.48
CA ILE B 122 -10.55 -19.12 18.92
C ILE B 122 -10.57 -20.64 18.87
N ARG B 123 -9.59 -21.24 19.54
CA ARG B 123 -9.47 -22.69 19.66
C ARG B 123 -9.43 -22.99 21.16
N LYS B 124 -9.02 -21.99 21.93
CA LYS B 124 -8.94 -22.06 23.37
C LYS B 124 -10.28 -21.63 23.93
N LEU B 125 -10.92 -20.68 23.25
CA LEU B 125 -12.24 -20.15 23.64
C LEU B 125 -13.31 -21.06 23.03
N ALA B 126 -12.96 -21.76 21.96
CA ALA B 126 -13.89 -22.63 21.27
C ALA B 126 -14.01 -23.98 21.98
N ASP B 127 -13.03 -24.28 22.80
CA ASP B 127 -13.00 -25.54 23.54
C ASP B 127 -13.78 -25.42 24.83
N GLN B 128 -13.41 -24.43 25.63
CA GLN B 128 -14.04 -24.16 26.91
C GLN B 128 -15.57 -24.27 26.92
N CYS B 129 -16.22 -23.88 25.83
CA CYS B 129 -17.68 -23.91 25.72
C CYS B 129 -18.35 -25.29 25.69
N THR B 130 -19.62 -25.32 25.27
CA THR B 130 -20.40 -26.56 25.18
C THR B 130 -21.14 -26.58 23.84
N GLY B 131 -20.73 -27.46 22.93
CA GLY B 131 -21.37 -27.54 21.63
C GLY B 131 -21.74 -26.17 21.10
N LEU B 132 -20.79 -25.51 20.44
CA LEU B 132 -21.01 -24.18 19.87
C LEU B 132 -21.68 -24.27 18.49
N GLN B 133 -21.92 -23.12 17.88
CA GLN B 133 -22.56 -23.08 16.57
C GLN B 133 -21.72 -22.33 15.53
N GLY B 134 -20.83 -21.46 15.99
CA GLY B 134 -20.01 -20.72 15.04
C GLY B 134 -19.37 -19.48 15.60
N PHE B 135 -18.72 -18.71 14.72
CA PHE B 135 -18.04 -17.47 15.09
C PHE B 135 -18.55 -16.25 14.34
N SER B 136 -19.17 -15.33 15.07
CA SER B 136 -19.63 -14.11 14.45
C SER B 136 -18.39 -13.25 14.31
N VAL B 137 -17.90 -13.10 13.09
CA VAL B 137 -16.70 -12.33 12.77
C VAL B 137 -17.03 -10.85 12.48
N PHE B 138 -16.26 -9.92 13.02
CA PHE B 138 -16.53 -8.49 12.76
C PHE B 138 -15.34 -7.80 12.10
N HIS B 139 -15.45 -7.51 10.82
CA HIS B 139 -14.36 -6.84 10.10
C HIS B 139 -14.84 -5.72 9.20
N SER B 140 -13.90 -4.87 8.78
CA SER B 140 -14.20 -3.74 7.93
C SER B 140 -13.63 -3.79 6.51
N PHE B 141 -14.13 -4.74 5.74
CA PHE B 141 -13.74 -4.93 4.35
C PHE B 141 -12.54 -4.16 3.82
N GLY B 142 -12.65 -2.85 3.72
CA GLY B 142 -11.56 -2.05 3.16
C GLY B 142 -10.50 -1.51 4.11
N GLY B 143 -9.82 -2.40 4.82
CA GLY B 143 -8.78 -1.95 5.73
C GLY B 143 -7.56 -2.82 5.52
N GLY B 144 -6.60 -2.72 6.42
CA GLY B 144 -5.40 -3.53 6.30
C GLY B 144 -5.58 -4.75 7.20
N THR B 145 -5.77 -4.50 8.48
CA THR B 145 -5.95 -5.57 9.46
C THR B 145 -7.32 -6.18 9.29
N GLY B 146 -8.25 -5.42 8.75
CA GLY B 146 -9.60 -5.93 8.59
C GLY B 146 -9.87 -6.78 7.35
N SER B 147 -9.27 -6.38 6.24
CA SER B 147 -9.45 -7.10 5.00
C SER B 147 -8.51 -8.29 4.99
N GLY B 148 -7.21 -7.99 4.87
CA GLY B 148 -6.18 -8.99 4.82
C GLY B 148 -6.30 -10.02 5.91
N PHE B 149 -5.75 -9.71 7.08
CA PHE B 149 -5.79 -10.63 8.21
C PHE B 149 -6.97 -11.60 8.20
N THR B 150 -8.15 -11.10 8.52
CA THR B 150 -9.34 -11.94 8.55
C THR B 150 -9.30 -12.90 7.40
N SER B 151 -9.09 -12.35 6.22
CA SER B 151 -9.03 -13.19 5.03
C SER B 151 -8.44 -14.54 5.38
N LEU B 152 -7.29 -14.54 6.06
CA LEU B 152 -6.70 -15.81 6.43
C LEU B 152 -7.21 -16.37 7.75
N LEU B 153 -7.84 -15.53 8.57
CA LEU B 153 -8.40 -15.99 9.83
C LEU B 153 -9.59 -16.86 9.49
N MET B 154 -10.53 -16.29 8.75
CA MET B 154 -11.71 -17.03 8.32
C MET B 154 -11.19 -18.19 7.51
N GLU B 155 -10.08 -17.95 6.82
CA GLU B 155 -9.46 -18.96 5.97
C GLU B 155 -9.11 -20.14 6.83
N ARG B 156 -8.28 -19.91 7.84
CA ARG B 156 -7.86 -21.00 8.74
C ARG B 156 -9.01 -21.62 9.57
N LEU B 157 -10.17 -20.97 9.61
CA LEU B 157 -11.35 -21.47 10.33
C LEU B 157 -12.10 -22.49 9.48
N SER B 158 -12.43 -22.10 8.26
CA SER B 158 -13.15 -22.97 7.35
C SER B 158 -12.54 -24.36 7.27
N VAL B 159 -11.28 -24.47 7.69
CA VAL B 159 -10.61 -25.78 7.65
C VAL B 159 -10.57 -26.43 9.01
N ASP B 160 -10.42 -25.63 10.05
CA ASP B 160 -10.35 -26.16 11.40
C ASP B 160 -11.71 -26.45 11.99
N TYR B 161 -12.75 -25.87 11.43
CA TYR B 161 -14.11 -26.13 11.90
C TYR B 161 -15.10 -26.07 10.76
N GLY B 162 -14.75 -26.67 9.63
CA GLY B 162 -15.68 -26.62 8.50
C GLY B 162 -17.10 -26.95 8.93
N LYS B 163 -17.19 -27.72 10.01
CA LYS B 163 -18.45 -28.19 10.57
C LYS B 163 -19.17 -27.19 11.47
N LYS B 164 -19.24 -25.93 11.05
CA LYS B 164 -19.93 -24.91 11.85
C LYS B 164 -20.40 -23.76 10.98
N SER B 165 -20.83 -22.69 11.65
CA SER B 165 -21.31 -21.50 10.97
C SER B 165 -20.25 -20.42 10.97
N LYS B 166 -20.12 -19.78 9.82
CA LYS B 166 -19.16 -18.70 9.63
C LYS B 166 -19.90 -17.49 9.09
N LEU B 167 -20.58 -16.77 9.98
CA LEU B 167 -21.29 -15.60 9.58
C LEU B 167 -20.40 -14.41 9.88
N GLU B 168 -19.94 -13.76 8.83
CA GLU B 168 -19.08 -12.60 9.02
C GLU B 168 -19.86 -11.34 8.80
N PHE B 169 -19.84 -10.50 9.82
CA PHE B 169 -20.53 -9.22 9.78
C PHE B 169 -19.60 -8.12 9.30
N SER B 170 -19.74 -7.75 8.03
CA SER B 170 -18.89 -6.73 7.43
C SER B 170 -19.47 -5.32 7.29
N ILE B 171 -18.57 -4.35 7.10
CA ILE B 171 -18.90 -2.94 6.93
C ILE B 171 -18.20 -2.60 5.64
N TYR B 172 -18.82 -2.99 4.54
CA TYR B 172 -18.25 -2.78 3.23
C TYR B 172 -18.30 -1.33 2.74
N PRO B 173 -17.24 -0.88 2.02
CA PRO B 173 -16.91 0.40 1.40
C PRO B 173 -18.05 1.35 1.06
N ALA B 174 -18.01 2.54 1.64
CA ALA B 174 -19.03 3.56 1.37
C ALA B 174 -19.01 3.80 -0.13
N PRO B 175 -20.18 3.75 -0.76
CA PRO B 175 -20.36 3.95 -2.20
C PRO B 175 -19.66 5.15 -2.87
N GLN B 176 -19.46 6.23 -2.12
CA GLN B 176 -18.81 7.42 -2.66
C GLN B 176 -17.94 8.07 -1.62
N VAL B 177 -18.24 7.77 -0.38
CA VAL B 177 -17.53 8.33 0.76
C VAL B 177 -16.57 7.32 1.36
N SER B 178 -15.64 6.82 0.56
CA SER B 178 -14.69 5.85 1.08
C SER B 178 -13.63 6.67 1.82
N THR B 179 -12.70 5.98 2.46
CA THR B 179 -11.66 6.68 3.19
C THR B 179 -10.32 6.37 2.55
N ALA B 180 -9.79 5.19 2.83
CA ALA B 180 -8.51 4.77 2.27
C ALA B 180 -8.52 5.04 0.78
N VAL B 181 -7.35 5.33 0.24
CA VAL B 181 -7.22 5.62 -1.16
C VAL B 181 -7.32 4.36 -1.97
N VAL B 182 -6.88 3.27 -1.38
CA VAL B 182 -6.88 1.97 -2.01
C VAL B 182 -8.12 1.11 -1.79
N GLU B 183 -8.82 1.34 -0.67
CA GLU B 183 -10.05 0.63 -0.28
C GLU B 183 -10.44 -0.56 -1.16
N PRO B 184 -10.76 -0.32 -2.46
CA PRO B 184 -11.12 -1.45 -3.33
C PRO B 184 -10.08 -2.57 -3.38
N TYR B 185 -8.81 -2.21 -3.51
CA TYR B 185 -7.79 -3.23 -3.53
C TYR B 185 -8.04 -4.13 -2.32
N ASN B 186 -8.20 -3.51 -1.16
CA ASN B 186 -8.42 -4.23 0.07
C ASN B 186 -9.75 -4.95 0.20
N SER B 187 -10.74 -4.56 -0.59
CA SER B 187 -12.07 -5.17 -0.50
C SER B 187 -12.39 -6.15 -1.60
N ILE B 188 -11.65 -6.10 -2.68
CA ILE B 188 -11.89 -7.06 -3.73
C ILE B 188 -11.10 -8.28 -3.29
N LEU B 189 -10.15 -8.03 -2.39
CA LEU B 189 -9.28 -9.06 -1.88
C LEU B 189 -9.78 -9.76 -0.65
N THR B 190 -10.60 -9.10 0.14
CA THR B 190 -11.14 -9.74 1.33
C THR B 190 -12.37 -10.54 0.93
N THR B 191 -12.97 -10.17 -0.20
CA THR B 191 -14.15 -10.85 -0.69
C THR B 191 -13.80 -12.20 -1.32
N HIS B 192 -12.78 -12.19 -2.18
CA HIS B 192 -12.38 -13.40 -2.90
C HIS B 192 -11.75 -14.46 -2.03
N THR B 193 -11.07 -14.02 -0.99
CA THR B 193 -10.39 -14.95 -0.08
C THR B 193 -11.33 -15.48 0.99
N THR B 194 -12.35 -14.70 1.34
CA THR B 194 -13.29 -15.12 2.37
C THR B 194 -14.50 -15.84 1.75
N LEU B 195 -14.81 -15.49 0.50
CA LEU B 195 -15.94 -16.05 -0.23
C LEU B 195 -16.10 -17.55 -0.11
N GLU B 196 -14.99 -18.25 -0.27
CA GLU B 196 -14.97 -19.70 -0.22
C GLU B 196 -14.77 -20.19 1.21
N HIS B 197 -15.15 -19.37 2.19
CA HIS B 197 -14.96 -19.72 3.59
C HIS B 197 -16.09 -19.31 4.54
N SER B 198 -16.86 -18.29 4.18
CA SER B 198 -17.95 -17.84 5.04
C SER B 198 -19.23 -18.61 4.80
N ASP B 199 -20.14 -18.50 5.74
CA ASP B 199 -21.43 -19.15 5.68
C ASP B 199 -22.47 -18.15 5.19
N CYS B 200 -22.48 -17.00 5.86
CA CYS B 200 -23.39 -15.91 5.55
C CYS B 200 -22.65 -14.64 5.95
N ALA B 201 -22.52 -13.72 5.02
CA ALA B 201 -21.84 -12.48 5.33
C ALA B 201 -22.83 -11.33 5.41
N PHE B 202 -23.02 -10.80 6.61
CA PHE B 202 -23.92 -9.67 6.79
C PHE B 202 -23.20 -8.41 6.36
N MET B 203 -23.95 -7.48 5.79
CA MET B 203 -23.35 -6.25 5.32
C MET B 203 -24.08 -5.02 5.80
N VAL B 204 -23.31 -4.06 6.29
CA VAL B 204 -23.81 -2.79 6.79
C VAL B 204 -22.93 -1.70 6.19
N ASP B 205 -23.53 -0.90 5.32
CA ASP B 205 -22.83 0.17 4.61
C ASP B 205 -22.66 1.40 5.48
N ASN B 206 -21.41 1.78 5.72
CA ASN B 206 -21.11 2.94 6.54
C ASN B 206 -21.84 4.22 6.11
N GLU B 207 -21.78 4.57 4.83
CA GLU B 207 -22.46 5.77 4.34
C GLU B 207 -23.98 5.68 4.44
N ALA B 208 -24.55 4.67 3.80
CA ALA B 208 -25.99 4.47 3.82
C ALA B 208 -26.58 4.41 5.24
N ILE B 209 -25.72 4.44 6.25
CA ILE B 209 -26.17 4.45 7.64
C ILE B 209 -26.24 5.93 8.06
N TYR B 210 -25.37 6.73 7.46
CA TYR B 210 -25.36 8.15 7.77
C TYR B 210 -26.70 8.74 7.35
N ASP B 211 -27.15 8.35 6.17
CA ASP B 211 -28.41 8.85 5.68
C ASP B 211 -29.42 8.65 6.76
N ILE B 212 -29.45 7.43 7.31
CA ILE B 212 -30.39 7.14 8.37
C ILE B 212 -30.22 8.11 9.55
N CYS B 213 -28.99 8.56 9.77
CA CYS B 213 -28.71 9.49 10.86
C CYS B 213 -29.08 10.92 10.52
N ARG B 214 -29.22 11.17 9.23
CA ARG B 214 -29.58 12.48 8.75
C ARG B 214 -31.10 12.53 8.53
N ARG B 215 -31.60 11.55 7.78
CA ARG B 215 -33.02 11.44 7.42
C ARG B 215 -33.95 10.79 8.42
N ASN B 216 -33.47 9.82 9.18
CA ASN B 216 -34.33 9.13 10.13
C ASN B 216 -33.90 9.26 11.57
N LEU B 217 -33.50 10.44 11.98
CA LEU B 217 -33.05 10.62 13.35
C LEU B 217 -32.58 12.06 13.50
N ASP B 218 -32.22 12.63 12.36
CA ASP B 218 -31.77 14.02 12.29
C ASP B 218 -30.59 14.34 13.20
N ILE B 219 -29.41 14.46 12.58
CA ILE B 219 -28.17 14.81 13.26
C ILE B 219 -27.04 14.83 12.25
N GLU B 220 -26.41 15.99 12.10
CA GLU B 220 -25.30 16.11 11.16
C GLU B 220 -24.01 15.92 11.96
N ARG B 221 -24.21 15.52 13.21
CA ARG B 221 -23.12 15.27 14.16
C ARG B 221 -23.07 13.76 14.50
N PRO B 222 -22.93 12.89 13.47
CA PRO B 222 -22.87 11.47 13.79
C PRO B 222 -21.44 11.01 13.99
N THR B 223 -21.08 10.72 15.24
CA THR B 223 -19.74 10.24 15.52
C THR B 223 -19.72 8.77 15.16
N TYR B 224 -18.54 8.25 14.85
CA TYR B 224 -18.41 6.84 14.52
C TYR B 224 -19.11 6.10 15.64
N THR B 225 -18.93 6.61 16.85
CA THR B 225 -19.52 6.00 18.03
C THR B 225 -21.04 5.83 17.90
N ASN B 226 -21.63 6.39 16.85
CA ASN B 226 -23.06 6.23 16.66
C ASN B 226 -23.35 5.09 15.72
N LEU B 227 -22.78 5.16 14.53
CA LEU B 227 -22.98 4.11 13.55
C LEU B 227 -22.79 2.82 14.28
N ASN B 228 -21.83 2.82 15.20
CA ASN B 228 -21.54 1.62 15.97
C ASN B 228 -22.73 1.23 16.86
N ARG B 229 -23.39 2.23 17.44
CA ARG B 229 -24.54 1.99 18.31
C ARG B 229 -25.64 1.38 17.49
N LEU B 230 -25.67 1.76 16.22
CA LEU B 230 -26.67 1.27 15.33
C LEU B 230 -26.41 -0.17 14.98
N ILE B 231 -25.32 -0.46 14.29
CA ILE B 231 -25.05 -1.85 13.98
C ILE B 231 -25.12 -2.55 15.32
N GLY B 232 -24.60 -1.85 16.33
CA GLY B 232 -24.60 -2.37 17.69
C GLY B 232 -26.00 -2.77 18.08
N GLN B 233 -26.98 -2.32 17.31
CA GLN B 233 -28.38 -2.63 17.54
C GLN B 233 -28.79 -3.80 16.65
N ILE B 234 -28.73 -3.56 15.34
CA ILE B 234 -29.09 -4.57 14.36
C ILE B 234 -28.43 -5.90 14.71
N VAL B 235 -27.20 -5.84 15.22
CA VAL B 235 -26.47 -7.05 15.58
C VAL B 235 -27.10 -7.69 16.81
N SER B 236 -27.53 -6.86 17.75
CA SER B 236 -28.14 -7.39 18.96
C SER B 236 -29.35 -8.22 18.63
N SER B 237 -29.97 -7.89 17.51
CA SER B 237 -31.16 -8.58 17.04
C SER B 237 -30.81 -9.93 16.42
N ILE B 238 -29.59 -10.03 15.92
CA ILE B 238 -29.12 -11.26 15.33
C ILE B 238 -28.87 -12.24 16.46
N THR B 239 -27.67 -12.22 17.01
CA THR B 239 -27.28 -13.13 18.09
C THR B 239 -28.05 -12.91 19.37
N ALA B 240 -27.54 -12.00 20.19
CA ALA B 240 -28.13 -11.70 21.49
C ALA B 240 -29.52 -12.31 21.70
N SER B 241 -30.54 -11.55 21.32
CA SER B 241 -31.95 -11.91 21.47
C SER B 241 -32.40 -13.20 20.81
N LEU B 242 -31.85 -13.50 19.64
CA LEU B 242 -32.26 -14.71 18.94
C LEU B 242 -31.82 -15.96 19.68
N ARG B 243 -30.55 -15.99 20.07
CA ARG B 243 -30.02 -17.12 20.81
C ARG B 243 -30.75 -17.15 22.15
N PHE B 244 -31.63 -16.16 22.32
CA PHE B 244 -32.45 -15.97 23.50
C PHE B 244 -33.87 -16.50 23.19
N ASP B 245 -34.42 -17.30 24.10
CA ASP B 245 -35.76 -17.90 23.97
C ASP B 245 -36.78 -16.94 23.37
N GLY B 246 -37.84 -17.49 22.80
CA GLY B 246 -38.86 -16.64 22.21
C GLY B 246 -40.00 -17.47 21.64
N ALA B 247 -40.96 -16.80 21.01
CA ALA B 247 -42.12 -17.48 20.43
C ALA B 247 -41.87 -18.08 19.06
N LEU B 248 -40.70 -17.80 18.48
CA LEU B 248 -40.34 -18.34 17.17
C LEU B 248 -38.83 -18.41 16.91
N ASN B 249 -38.08 -18.86 17.92
CA ASN B 249 -36.62 -18.98 17.84
C ASN B 249 -36.05 -19.24 16.47
N VAL B 250 -34.85 -18.71 16.26
CA VAL B 250 -34.10 -18.86 15.02
C VAL B 250 -32.61 -19.02 15.32
N ASP B 251 -32.12 -20.24 15.15
CA ASP B 251 -30.73 -20.60 15.39
C ASP B 251 -29.80 -19.92 14.35
N LEU B 252 -28.50 -19.90 14.60
CA LEU B 252 -27.59 -19.29 13.64
C LEU B 252 -27.64 -20.10 12.36
N THR B 253 -27.53 -21.41 12.49
CA THR B 253 -27.59 -22.26 11.31
C THR B 253 -28.80 -21.75 10.53
N GLU B 254 -29.96 -21.75 11.19
CA GLU B 254 -31.21 -21.29 10.59
C GLU B 254 -30.95 -20.27 9.51
N PHE B 255 -30.22 -19.22 9.86
CA PHE B 255 -29.90 -18.18 8.91
C PHE B 255 -29.40 -18.76 7.62
N GLN B 256 -28.10 -18.99 7.56
CA GLN B 256 -27.49 -19.52 6.37
C GLN B 256 -28.42 -20.46 5.60
N THR B 257 -29.17 -21.29 6.31
CA THR B 257 -30.10 -22.21 5.65
C THR B 257 -31.21 -21.44 4.98
N ASN B 258 -31.98 -20.71 5.77
CA ASN B 258 -33.09 -19.93 5.24
C ASN B 258 -32.65 -18.67 4.51
N LEU B 259 -31.35 -18.36 4.59
CA LEU B 259 -30.82 -17.14 3.96
C LEU B 259 -29.88 -17.23 2.75
N VAL B 260 -29.19 -18.34 2.56
CA VAL B 260 -28.32 -18.42 1.39
C VAL B 260 -28.84 -19.47 0.41
N PRO B 261 -29.10 -19.04 -0.82
CA PRO B 261 -29.60 -20.00 -1.79
C PRO B 261 -28.43 -20.70 -2.40
N TYR B 262 -27.26 -20.07 -2.37
CA TYR B 262 -26.08 -20.69 -2.97
C TYR B 262 -24.75 -20.48 -2.26
N PRO B 263 -23.92 -21.53 -2.21
CA PRO B 263 -22.61 -21.59 -1.59
C PRO B 263 -21.79 -20.32 -1.53
N ARG B 264 -21.93 -19.43 -2.50
CA ARG B 264 -21.16 -18.19 -2.41
C ARG B 264 -21.56 -17.68 -1.02
N GLY B 265 -20.57 -17.38 -0.18
CA GLY B 265 -20.82 -16.91 1.18
C GLY B 265 -21.80 -15.77 1.26
N HIS B 266 -22.74 -15.80 0.32
CA HIS B 266 -23.77 -14.80 0.14
C HIS B 266 -23.92 -13.80 1.24
N PHE B 267 -24.07 -12.57 0.80
CA PHE B 267 -24.14 -11.44 1.68
C PHE B 267 -25.48 -10.75 1.78
N PRO B 268 -26.23 -11.03 2.84
CA PRO B 268 -27.51 -10.32 2.94
C PRO B 268 -27.23 -8.91 3.49
N LEU B 269 -28.28 -8.10 3.63
CA LEU B 269 -28.16 -6.72 4.13
C LEU B 269 -28.90 -6.57 5.45
N ALA B 270 -28.38 -5.77 6.37
CA ALA B 270 -29.06 -5.58 7.65
C ALA B 270 -29.94 -4.36 7.61
N THR B 271 -31.11 -4.45 8.24
CA THR B 271 -32.07 -3.35 8.25
C THR B 271 -32.77 -3.33 9.60
N TYR B 272 -33.09 -2.15 10.09
CA TYR B 272 -33.77 -2.10 11.38
C TYR B 272 -35.02 -1.27 11.19
N ALA B 273 -36.07 -1.53 11.98
CA ALA B 273 -37.28 -0.74 11.75
C ALA B 273 -37.47 0.52 12.59
N PRO B 274 -37.76 0.38 13.89
CA PRO B 274 -37.96 1.62 14.66
C PRO B 274 -36.69 2.42 14.85
N VAL B 275 -36.01 3.62 13.29
CA VAL B 275 -34.85 4.34 13.76
C VAL B 275 -35.38 5.70 13.98
N ILE B 276 -35.69 6.01 15.22
CA ILE B 276 -36.21 7.34 15.56
C ILE B 276 -35.57 7.94 16.80
N SER B 277 -35.23 9.23 16.68
CA SER B 277 -34.38 9.94 17.62
C SER B 277 -35.05 10.24 18.96
N ALA B 278 -34.30 10.11 20.05
CA ALA B 278 -34.80 10.48 21.39
C ALA B 278 -35.07 11.95 21.34
N GLU B 279 -36.02 12.43 22.11
CA GLU B 279 -36.56 13.75 21.87
C GLU B 279 -37.82 13.57 21.03
N LYS B 280 -37.81 12.56 20.17
CA LYS B 280 -39.05 12.11 19.57
C LYS B 280 -39.68 11.15 20.57
N ALA B 281 -38.85 10.73 21.52
CA ALA B 281 -39.14 9.61 22.43
C ALA B 281 -40.56 9.49 22.97
N TYR B 282 -41.31 10.59 22.98
CA TYR B 282 -42.66 10.59 23.53
C TYR B 282 -43.76 10.30 22.49
N HIS B 283 -43.51 10.70 21.25
CA HIS B 283 -44.53 10.55 20.19
C HIS B 283 -45.21 9.19 20.23
N GLU B 284 -46.51 9.11 19.89
CA GLU B 284 -47.27 7.84 19.87
C GLU B 284 -46.49 6.82 19.03
N GLN B 285 -46.32 5.59 19.54
CA GLN B 285 -45.45 4.59 18.89
C GLN B 285 -45.96 4.16 17.49
N LEU B 286 -45.13 3.50 16.70
CA LEU B 286 -45.55 3.06 15.38
C LEU B 286 -46.18 1.67 15.39
N SER B 287 -47.11 1.48 14.45
CA SER B 287 -47.89 0.25 14.31
C SER B 287 -47.07 -0.88 13.72
N VAL B 288 -47.49 -2.10 14.05
CA VAL B 288 -46.85 -3.31 13.55
C VAL B 288 -46.80 -3.27 12.03
N ALA B 289 -47.77 -2.60 11.42
CA ALA B 289 -47.86 -2.49 9.97
C ALA B 289 -46.85 -1.52 9.39
N GLU B 290 -46.65 -0.40 10.09
CA GLU B 290 -45.74 0.67 9.66
C GLU B 290 -44.29 0.21 9.62
N ILE B 291 -43.86 -0.43 10.71
CA ILE B 291 -42.49 -0.88 10.84
C ILE B 291 -42.26 -1.94 9.80
N THR B 292 -43.17 -2.88 9.71
CA THR B 292 -43.13 -3.87 8.65
C THR B 292 -42.91 -3.19 7.30
N ASN B 293 -43.65 -2.13 7.06
CA ASN B 293 -43.57 -1.44 5.78
C ASN B 293 -42.29 -0.66 5.58
N ALA B 294 -41.85 -0.03 6.65
CA ALA B 294 -40.56 0.63 6.67
C ALA B 294 -39.44 -0.28 6.19
N CYS B 295 -39.68 -1.59 6.20
CA CYS B 295 -38.65 -2.56 5.88
C CYS B 295 -38.49 -2.67 4.39
N PHE B 296 -39.49 -2.19 3.68
CA PHE B 296 -39.40 -2.27 2.24
C PHE B 296 -39.08 -0.95 1.62
N GLU B 297 -38.57 -0.04 2.44
CA GLU B 297 -38.11 1.23 1.95
C GLU B 297 -36.59 1.25 1.78
N PRO B 298 -36.13 1.43 0.55
CA PRO B 298 -34.69 1.51 0.29
C PRO B 298 -34.00 2.64 1.07
N ALA B 299 -34.80 3.74 2.16
CA ALA B 299 -34.13 4.72 2.99
C ALA B 299 -34.06 4.28 4.43
N ASN B 300 -33.69 3.03 4.67
CA ASN B 300 -33.63 2.59 6.05
C ASN B 300 -32.95 1.24 6.14
N GLN B 301 -31.94 1.02 5.32
CA GLN B 301 -31.34 -0.27 5.31
C GLN B 301 -29.85 -0.46 5.55
N MET B 302 -29.20 0.51 6.14
CA MET B 302 -27.80 0.35 6.42
C MET B 302 -27.02 -0.22 5.23
N VAL B 303 -27.32 0.25 4.03
CA VAL B 303 -26.64 -0.19 2.83
C VAL B 303 -27.10 0.57 1.60
N LYS B 304 -26.15 1.19 0.91
CA LYS B 304 -26.41 1.98 -0.28
C LYS B 304 -26.68 1.06 -1.47
N CYS B 305 -27.54 0.10 -1.26
CA CYS B 305 -27.88 -0.85 -2.31
C CYS B 305 -29.37 -0.76 -2.60
N ASP B 306 -29.90 0.45 -2.51
CA ASP B 306 -31.31 0.73 -2.77
C ASP B 306 -31.86 -0.33 -3.74
N PRO B 307 -32.97 -1.01 -3.37
CA PRO B 307 -33.53 -2.04 -4.26
C PRO B 307 -33.85 -1.51 -5.65
N ARG B 308 -32.80 -1.00 -6.29
CA ARG B 308 -32.83 -0.41 -7.62
C ARG B 308 -33.33 -1.39 -8.67
N HIS B 309 -33.46 -2.65 -8.28
CA HIS B 309 -33.94 -3.71 -9.16
C HIS B 309 -33.76 -5.05 -8.47
N GLY B 310 -32.77 -5.11 -7.60
CA GLY B 310 -32.47 -6.33 -6.88
C GLY B 310 -33.68 -6.99 -6.24
N LYS B 311 -34.05 -8.13 -6.79
CA LYS B 311 -35.17 -8.89 -6.28
C LYS B 311 -34.74 -9.60 -5.02
N TYR B 312 -35.52 -9.47 -3.95
CA TYR B 312 -35.17 -10.16 -2.72
C TYR B 312 -35.25 -11.64 -3.10
N MET B 313 -34.59 -12.50 -2.33
CA MET B 313 -34.64 -13.92 -2.59
C MET B 313 -34.75 -14.67 -1.29
N ALA B 314 -34.85 -13.93 -0.20
CA ALA B 314 -34.97 -14.52 1.12
C ALA B 314 -34.73 -13.45 2.18
N CYS B 315 -35.69 -13.29 3.07
CA CYS B 315 -35.59 -12.31 4.14
C CYS B 315 -35.87 -13.00 5.46
N CYS B 316 -35.12 -12.60 6.49
CA CYS B 316 -35.28 -13.19 7.81
C CYS B 316 -35.78 -12.12 8.73
N LEU B 317 -37.08 -11.95 8.77
CA LEU B 317 -37.64 -10.90 9.60
C LEU B 317 -37.58 -11.22 11.08
N LEU B 318 -36.54 -10.73 11.74
CA LEU B 318 -36.40 -10.94 13.16
C LEU B 318 -37.11 -9.83 13.92
N TYR B 319 -38.17 -10.20 14.63
CA TYR B 319 -38.94 -9.26 15.42
C TYR B 319 -38.58 -9.49 16.85
N ARG B 320 -38.83 -8.49 17.68
CA ARG B 320 -38.54 -8.58 19.09
C ARG B 320 -39.50 -7.63 19.80
N GLY B 321 -39.95 -8.02 20.98
CA GLY B 321 -40.88 -7.19 21.72
C GLY B 321 -42.29 -7.75 21.64
N ASP B 322 -43.29 -6.91 21.89
CA ASP B 322 -44.69 -7.37 21.85
C ASP B 322 -45.23 -7.47 20.43
N VAL B 323 -45.24 -8.70 19.91
CA VAL B 323 -45.72 -8.97 18.55
C VAL B 323 -46.60 -10.24 18.46
N VAL B 324 -47.80 -10.07 17.93
CA VAL B 324 -48.74 -11.17 17.75
C VAL B 324 -48.47 -11.83 16.41
N PRO B 325 -48.14 -13.12 16.45
CA PRO B 325 -47.84 -13.89 15.25
C PRO B 325 -48.78 -13.68 14.08
N LYS B 326 -50.04 -13.35 14.35
CA LYS B 326 -51.00 -13.10 13.30
C LYS B 326 -50.66 -11.74 12.70
N ASP B 327 -50.35 -10.80 13.58
CA ASP B 327 -49.98 -9.46 13.15
C ASP B 327 -48.92 -9.59 12.09
N VAL B 328 -47.98 -10.50 12.32
CA VAL B 328 -46.89 -10.74 11.39
C VAL B 328 -47.41 -11.53 10.21
N ASN B 329 -47.98 -12.70 10.50
CA ASN B 329 -48.53 -13.57 9.47
C ASN B 329 -49.78 -12.86 8.91
N ALA B 330 -49.55 -11.60 8.51
CA ALA B 330 -50.58 -10.74 7.93
C ALA B 330 -49.87 -9.52 7.38
N ALA B 331 -49.04 -8.91 8.22
CA ALA B 331 -48.28 -7.75 7.84
C ALA B 331 -47.35 -8.17 6.71
N ILE B 332 -46.92 -9.43 6.78
CA ILE B 332 -46.05 -9.99 5.76
C ILE B 332 -46.89 -10.38 4.55
N ALA B 333 -48.09 -10.88 4.81
CA ALA B 333 -49.00 -11.29 3.75
C ALA B 333 -49.27 -10.09 2.87
N THR B 334 -49.61 -8.96 3.51
CA THR B 334 -49.88 -7.72 2.79
C THR B 334 -48.70 -7.40 1.88
N ILE B 335 -47.49 -7.59 2.40
CA ILE B 335 -46.28 -7.33 1.64
C ILE B 335 -46.18 -8.30 0.48
N LYS B 336 -46.23 -9.60 0.75
CA LYS B 336 -46.12 -10.60 -0.30
C LYS B 336 -46.96 -10.25 -1.52
N THR B 337 -47.92 -9.34 -1.35
CA THR B 337 -48.79 -8.97 -2.45
C THR B 337 -48.72 -7.50 -2.85
N LYS B 338 -47.55 -6.89 -2.64
CA LYS B 338 -47.35 -5.48 -3.02
C LYS B 338 -46.70 -5.47 -4.39
N ARG B 339 -46.22 -6.64 -4.81
CA ARG B 339 -45.57 -6.85 -6.10
C ARG B 339 -44.43 -5.91 -6.46
N THR B 340 -44.59 -4.63 -6.18
CA THR B 340 -43.56 -3.66 -6.47
C THR B 340 -42.34 -4.02 -5.60
N ILE B 341 -42.50 -5.07 -4.81
CA ILE B 341 -41.45 -5.58 -3.93
C ILE B 341 -40.91 -6.89 -4.51
N GLN B 342 -41.28 -7.16 -5.75
CA GLN B 342 -40.88 -8.34 -6.51
C GLN B 342 -39.80 -9.25 -5.92
N PHE B 343 -40.19 -10.46 -5.53
CA PHE B 343 -39.28 -11.47 -4.99
C PHE B 343 -38.84 -12.36 -6.13
N VAL B 344 -37.74 -13.07 -5.96
CA VAL B 344 -37.27 -13.92 -7.04
C VAL B 344 -38.36 -14.87 -7.50
N ASP B 345 -38.15 -15.45 -8.68
CA ASP B 345 -39.08 -16.39 -9.29
C ASP B 345 -39.02 -17.71 -8.56
N TRP B 346 -37.89 -18.39 -8.71
CA TRP B 346 -37.66 -19.69 -8.12
C TRP B 346 -37.89 -19.71 -6.63
N CYS B 347 -38.48 -18.66 -6.11
CA CYS B 347 -38.73 -18.63 -4.71
C CYS B 347 -40.17 -18.27 -4.40
N PRO B 348 -40.96 -19.28 -4.00
CA PRO B 348 -42.36 -19.09 -3.66
C PRO B 348 -42.48 -18.13 -2.52
N THR B 349 -42.06 -18.65 -1.38
CA THR B 349 -42.06 -17.93 -0.11
C THR B 349 -40.64 -17.90 0.46
N GLY B 350 -40.19 -16.68 0.70
CA GLY B 350 -38.85 -16.42 1.26
C GLY B 350 -38.97 -15.41 2.39
N PHE B 351 -39.62 -15.85 3.45
CA PHE B 351 -39.85 -15.01 4.64
C PHE B 351 -39.75 -15.82 5.93
N LYS B 352 -38.58 -15.77 6.51
CA LYS B 352 -38.29 -16.43 7.78
C LYS B 352 -38.67 -15.49 8.92
N VAL B 353 -39.80 -15.77 9.53
CA VAL B 353 -40.32 -14.95 10.62
C VAL B 353 -39.74 -15.42 11.96
N GLY B 354 -38.89 -14.57 12.48
CA GLY B 354 -38.22 -14.79 13.77
C GLY B 354 -38.81 -13.84 14.81
N ILE B 355 -39.44 -14.45 15.80
CA ILE B 355 -40.08 -13.71 16.88
C ILE B 355 -39.39 -13.98 18.21
N ASN B 356 -39.01 -12.88 18.84
CA ASN B 356 -38.39 -12.87 20.15
C ASN B 356 -39.36 -12.19 21.11
N TYR B 357 -39.07 -12.25 22.39
CA TYR B 357 -39.95 -11.66 23.40
C TYR B 357 -39.47 -10.27 23.82
N GLU B 358 -38.44 -10.26 24.63
CA GLU B 358 -37.85 -9.03 25.17
C GLU B 358 -37.73 -7.95 24.12
N PRO B 359 -38.37 -6.77 24.30
CA PRO B 359 -38.27 -5.68 23.36
C PRO B 359 -36.84 -5.22 23.22
N PRO B 360 -36.51 -4.31 22.28
CA PRO B 360 -35.12 -3.84 22.12
C PRO B 360 -34.65 -3.15 23.40
N THR B 361 -33.40 -2.68 23.38
CA THR B 361 -32.85 -2.00 24.55
C THR B 361 -31.90 -0.91 24.08
N VAL B 362 -32.42 0.30 24.10
CA VAL B 362 -31.70 1.48 23.65
C VAL B 362 -30.77 2.06 24.70
N VAL B 363 -29.66 2.61 24.22
CA VAL B 363 -28.67 3.24 25.07
C VAL B 363 -29.44 4.24 25.94
N PRO B 364 -29.12 4.28 27.25
CA PRO B 364 -29.77 5.18 28.22
C PRO B 364 -30.05 6.58 27.69
N GLY B 365 -29.07 7.14 26.98
CA GLY B 365 -29.25 8.49 26.47
C GLY B 365 -28.48 8.83 25.22
N GLY B 366 -28.48 7.92 24.25
CA GLY B 366 -27.79 8.19 23.00
C GLY B 366 -28.68 9.07 22.14
N ASP B 367 -29.36 8.46 21.18
CA ASP B 367 -30.27 9.17 20.29
C ASP B 367 -31.29 8.22 19.67
N LEU B 368 -31.31 6.98 20.15
CA LEU B 368 -32.23 5.97 19.65
C LEU B 368 -33.55 6.08 20.40
N ALA B 369 -34.63 6.21 19.66
CA ALA B 369 -35.97 6.34 20.22
C ALA B 369 -36.22 5.56 21.52
N LYS B 370 -36.43 4.26 21.34
CA LYS B 370 -36.72 3.28 22.40
C LYS B 370 -38.19 2.90 22.33
N VAL B 371 -38.48 2.00 21.39
CA VAL B 371 -39.82 1.51 21.13
C VAL B 371 -40.01 0.21 21.91
N GLN B 372 -41.18 -0.39 21.76
CA GLN B 372 -41.48 -1.66 22.43
C GLN B 372 -41.70 -2.74 21.38
N ARG B 373 -40.88 -2.69 20.34
CA ARG B 373 -40.94 -3.66 19.26
C ARG B 373 -40.14 -3.13 18.09
N ALA B 374 -39.41 -4.03 17.42
CA ALA B 374 -38.58 -3.65 16.29
C ALA B 374 -38.46 -4.80 15.31
N VAL B 375 -37.98 -4.47 14.11
CA VAL B 375 -37.81 -5.44 13.02
C VAL B 375 -36.44 -5.35 12.38
N CYS B 376 -35.56 -6.26 12.73
CA CYS B 376 -34.21 -6.32 12.17
C CYS B 376 -34.27 -7.35 11.06
N MET B 377 -34.67 -6.88 9.88
CA MET B 377 -34.80 -7.75 8.75
C MET B 377 -33.54 -7.68 7.92
N LEU B 378 -33.02 -8.85 7.59
CA LEU B 378 -31.83 -8.94 6.79
C LEU B 378 -32.23 -9.78 5.60
N SER B 379 -31.50 -9.67 4.50
CA SER B 379 -31.85 -10.41 3.30
C SER B 379 -30.82 -10.41 2.20
N ASN B 380 -31.01 -11.35 1.28
CA ASN B 380 -30.14 -11.47 0.12
C ASN B 380 -30.99 -10.82 -0.97
N THR B 381 -30.43 -9.82 -1.61
CA THR B 381 -31.14 -9.09 -2.67
C THR B 381 -30.26 -9.03 -3.90
N THR B 382 -30.85 -9.34 -5.04
CA THR B 382 -30.14 -9.29 -6.31
C THR B 382 -29.61 -7.86 -6.48
N ALA B 383 -29.88 -7.05 -5.48
CA ALA B 383 -29.48 -5.67 -5.49
C ALA B 383 -27.99 -5.50 -5.44
N ILE B 384 -27.33 -6.22 -4.55
CA ILE B 384 -25.90 -6.07 -4.45
C ILE B 384 -25.19 -6.26 -5.78
N ALA B 385 -25.92 -6.76 -6.78
CA ALA B 385 -25.36 -6.93 -8.13
C ALA B 385 -24.71 -5.59 -8.39
N GLU B 386 -25.38 -4.55 -7.88
CA GLU B 386 -24.88 -3.19 -7.99
C GLU B 386 -23.64 -3.09 -7.13
N ALA B 387 -23.86 -2.71 -5.87
CA ALA B 387 -22.78 -2.53 -4.89
C ALA B 387 -21.46 -3.23 -5.19
N TRP B 388 -21.52 -4.49 -5.65
CA TRP B 388 -20.30 -5.22 -5.99
C TRP B 388 -19.76 -4.61 -7.26
N ALA B 389 -20.63 -4.47 -8.25
CA ALA B 389 -20.27 -3.87 -9.53
C ALA B 389 -19.48 -2.59 -9.27
N ARG B 390 -20.18 -1.58 -8.76
CA ARG B 390 -19.59 -0.28 -8.45
C ARG B 390 -18.29 -0.33 -7.66
N LEU B 391 -18.04 -1.43 -6.97
CA LEU B 391 -16.84 -1.54 -6.16
C LEU B 391 -15.75 -2.25 -6.91
N ASP B 392 -16.17 -3.03 -7.88
CA ASP B 392 -15.26 -3.79 -8.71
C ASP B 392 -14.64 -2.83 -9.70
N HIS B 393 -15.52 -2.08 -10.37
CA HIS B 393 -15.11 -1.08 -11.35
C HIS B 393 -14.00 -0.25 -10.74
N LYS B 394 -14.26 0.31 -9.55
CA LYS B 394 -13.26 1.10 -8.81
C LYS B 394 -11.90 0.47 -9.01
N PHE B 395 -11.77 -0.73 -8.47
CA PHE B 395 -10.57 -1.55 -8.52
C PHE B 395 -9.83 -1.44 -9.84
N ASP B 396 -10.51 -1.85 -10.91
CA ASP B 396 -9.93 -1.81 -12.24
C ASP B 396 -9.25 -0.50 -12.52
N LEU B 397 -9.99 0.58 -12.45
CA LEU B 397 -9.44 1.88 -12.71
C LEU B 397 -8.02 1.99 -12.20
N MET B 398 -7.82 1.65 -10.94
CA MET B 398 -6.49 1.73 -10.33
C MET B 398 -5.55 0.65 -10.80
N TYR B 399 -6.03 -0.59 -10.76
CA TYR B 399 -5.21 -1.70 -11.20
C TYR B 399 -4.77 -1.41 -12.63
N ALA B 400 -5.70 -0.86 -13.40
CA ALA B 400 -5.43 -0.54 -14.78
C ALA B 400 -4.14 0.26 -14.91
N LYS B 401 -3.69 0.84 -13.80
CA LYS B 401 -2.47 1.65 -13.79
C LYS B 401 -1.52 1.20 -12.70
N ARG B 402 -1.89 0.08 -12.07
CA ARG B 402 -1.08 -0.50 -11.01
C ARG B 402 -1.09 0.34 -9.76
N ALA B 403 -1.55 1.59 -9.87
CA ALA B 403 -1.58 2.49 -8.75
C ALA B 403 -0.73 1.96 -7.60
N PHE B 404 -1.31 1.82 -6.43
CA PHE B 404 -0.55 1.38 -5.25
C PHE B 404 -0.24 -0.11 -5.26
N VAL B 405 0.15 -0.63 -6.42
CA VAL B 405 0.44 -2.05 -6.47
C VAL B 405 1.76 -2.35 -5.81
N HIS B 406 2.78 -1.55 -6.08
CA HIS B 406 4.07 -1.83 -5.48
C HIS B 406 4.01 -1.98 -3.98
N TRP B 407 2.91 -1.58 -3.37
CA TRP B 407 2.80 -1.66 -1.94
C TRP B 407 2.44 -3.03 -1.49
N TYR B 408 1.86 -3.82 -2.37
CA TYR B 408 1.48 -5.17 -1.99
C TYR B 408 2.54 -6.15 -2.43
N VAL B 409 2.94 -6.03 -3.69
CA VAL B 409 3.95 -6.90 -4.25
C VAL B 409 5.08 -7.00 -3.26
N GLY B 410 5.59 -5.84 -2.87
CA GLY B 410 6.68 -5.78 -1.92
C GLY B 410 6.25 -6.33 -0.57
N GLU B 411 5.09 -6.96 -0.54
CA GLU B 411 4.58 -7.51 0.69
C GLU B 411 4.12 -8.95 0.51
N GLY B 412 4.76 -9.66 -0.40
CA GLY B 412 4.40 -11.06 -0.60
C GLY B 412 3.05 -11.33 -1.24
N MET B 413 2.88 -10.78 -2.44
CA MET B 413 1.68 -10.93 -3.24
C MET B 413 2.20 -10.92 -4.66
N GLU B 414 1.33 -10.97 -5.64
CA GLU B 414 1.80 -11.00 -7.01
C GLU B 414 0.76 -10.49 -7.96
N GLU B 415 1.12 -10.36 -9.22
CA GLU B 415 0.16 -9.91 -10.24
C GLU B 415 -0.95 -10.95 -10.24
N GLY B 416 -0.62 -12.12 -9.69
CA GLY B 416 -1.59 -13.19 -9.62
C GLY B 416 -2.74 -12.80 -8.72
N GLU B 417 -2.50 -12.85 -7.42
CA GLU B 417 -3.54 -12.53 -6.46
C GLU B 417 -4.48 -11.41 -6.83
N PHE B 418 -3.97 -10.36 -7.48
CA PHE B 418 -4.88 -9.28 -7.86
C PHE B 418 -5.71 -9.75 -9.04
N SER B 419 -5.08 -9.86 -10.20
CA SER B 419 -5.76 -10.30 -11.41
C SER B 419 -6.62 -11.53 -11.20
N GLU B 420 -6.16 -12.44 -10.36
CA GLU B 420 -6.89 -13.67 -10.14
C GLU B 420 -7.98 -13.56 -9.09
N ALA B 421 -8.08 -12.41 -8.44
CA ALA B 421 -9.12 -12.17 -7.43
C ALA B 421 -10.14 -11.22 -8.05
N ARG B 422 -9.74 -10.67 -9.18
CA ARG B 422 -10.58 -9.78 -9.93
C ARG B 422 -11.50 -10.73 -10.69
N GLU B 423 -10.88 -11.66 -11.41
CA GLU B 423 -11.63 -12.66 -12.16
C GLU B 423 -12.62 -13.29 -11.19
N ASP B 424 -12.16 -13.47 -9.95
CA ASP B 424 -12.98 -14.07 -8.89
C ASP B 424 -14.32 -13.35 -8.82
N MET B 425 -14.28 -12.11 -8.34
CA MET B 425 -15.49 -11.33 -8.21
C MET B 425 -16.26 -11.25 -9.52
N ALA B 426 -15.55 -11.23 -10.65
CA ALA B 426 -16.24 -11.16 -11.93
C ALA B 426 -17.41 -12.14 -11.92
N ALA B 427 -17.14 -13.39 -11.53
CA ALA B 427 -18.15 -14.44 -11.46
C ALA B 427 -19.04 -14.29 -10.23
N LEU B 428 -19.00 -13.10 -9.64
CA LEU B 428 -19.83 -12.80 -8.48
C LEU B 428 -20.80 -11.74 -8.98
N GLU B 429 -20.44 -11.15 -10.11
CA GLU B 429 -21.25 -10.14 -10.78
C GLU B 429 -22.17 -10.91 -11.73
N LYS B 430 -21.73 -12.09 -12.15
CA LYS B 430 -22.52 -12.94 -13.03
C LYS B 430 -23.42 -13.79 -12.17
N ASP B 431 -22.88 -14.22 -11.03
CA ASP B 431 -23.62 -15.04 -10.10
C ASP B 431 -24.86 -14.30 -9.62
N TYR B 432 -24.64 -13.16 -8.97
CA TYR B 432 -25.73 -12.34 -8.45
C TYR B 432 -26.65 -11.84 -9.54
N GLU B 433 -26.27 -12.12 -10.79
CA GLU B 433 -27.06 -11.72 -11.96
C GLU B 433 -27.90 -12.90 -12.41
N GLU B 434 -27.28 -14.06 -12.50
CA GLU B 434 -27.97 -15.26 -12.93
C GLU B 434 -29.03 -15.75 -11.95
N VAL B 435 -28.69 -15.78 -10.67
CA VAL B 435 -29.63 -16.25 -9.65
C VAL B 435 -30.86 -15.36 -9.61
N GLY B 436 -30.89 -14.37 -10.48
CA GLY B 436 -32.03 -13.47 -10.55
C GLY B 436 -32.16 -12.89 -11.94
N VAL B 437 -33.00 -11.86 -12.08
CA VAL B 437 -33.22 -11.19 -13.36
C VAL B 437 -33.72 -12.18 -14.43
N ASP B 438 -33.64 -13.47 -14.14
CA ASP B 438 -34.05 -14.51 -15.09
C ASP B 438 -35.04 -15.50 -14.48
N SER B 439 -35.90 -16.07 -15.33
CA SER B 439 -36.90 -17.04 -14.86
C SER B 439 -36.84 -18.36 -15.62
N ASP C 3 12.83 3.31 -31.80
CA ASP C 3 12.74 4.09 -33.06
C ASP C 3 12.16 3.28 -34.17
N PRO C 4 12.77 2.19 -34.58
CA PRO C 4 12.29 1.43 -35.70
C PRO C 4 10.82 1.14 -35.66
N ALA C 5 10.40 0.00 -35.08
CA ALA C 5 9.00 -0.26 -34.89
C ALA C 5 8.51 0.39 -33.65
N GLU C 6 9.38 0.39 -32.61
CA GLU C 6 9.05 0.76 -31.26
C GLU C 6 8.47 -0.49 -30.69
N CYS C 7 9.05 -0.97 -29.58
CA CYS C 7 8.65 -2.23 -29.01
C CYS C 7 8.72 -3.34 -30.03
N ASN C 8 9.95 -3.75 -30.37
CA ASN C 8 10.15 -4.89 -31.24
C ASN C 8 10.22 -6.06 -30.32
N ILE C 9 9.11 -6.38 -29.65
CA ILE C 9 9.16 -7.46 -28.70
C ILE C 9 8.33 -8.59 -29.20
N LYS C 10 8.96 -9.78 -29.33
CA LYS C 10 8.25 -10.94 -29.74
C LYS C 10 8.19 -11.85 -28.56
N VAL C 11 7.08 -12.60 -28.44
CA VAL C 11 6.94 -13.49 -27.31
C VAL C 11 6.60 -14.85 -27.85
N MET C 12 7.32 -15.87 -27.36
CA MET C 12 7.07 -17.22 -27.77
C MET C 12 6.82 -17.98 -26.50
N CYS C 13 5.81 -18.87 -26.51
CA CYS C 13 5.48 -19.65 -25.35
C CYS C 13 5.95 -21.04 -25.60
N ARG C 14 6.76 -21.60 -24.68
CA ARG C 14 7.28 -22.92 -24.89
C ARG C 14 6.81 -23.80 -23.78
N PHE C 15 6.10 -24.90 -24.14
CA PHE C 15 5.66 -25.85 -23.17
C PHE C 15 6.62 -27.00 -23.21
N ARG C 16 6.92 -27.51 -22.02
CA ARG C 16 7.99 -28.41 -21.84
C ARG C 16 7.45 -29.74 -22.25
N PRO C 17 8.34 -30.64 -22.56
CA PRO C 17 8.02 -31.95 -23.03
C PRO C 17 7.21 -32.62 -22.00
N LEU C 18 6.28 -33.49 -22.45
CA LEU C 18 5.72 -34.40 -21.50
C LEU C 18 6.64 -35.48 -21.29
N ASN C 19 6.60 -35.93 -20.04
CA ASN C 19 7.57 -36.81 -19.54
C ASN C 19 6.88 -38.07 -19.19
N GLU C 20 7.67 -39.17 -19.17
CA GLU C 20 7.19 -40.44 -18.70
C GLU C 20 6.80 -40.37 -17.26
N SER C 21 7.54 -39.61 -16.44
CA SER C 21 7.21 -39.58 -15.04
C SER C 21 5.86 -38.94 -14.87
N GLU C 22 5.60 -37.86 -15.62
CA GLU C 22 4.37 -37.14 -15.49
C GLU C 22 3.25 -38.01 -15.94
N VAL C 23 3.45 -38.76 -17.05
CA VAL C 23 2.42 -39.61 -17.55
C VAL C 23 2.17 -40.71 -16.56
N ASN C 24 3.25 -41.22 -15.92
CA ASN C 24 3.13 -42.29 -14.98
C ASN C 24 2.27 -41.83 -13.84
N ARG C 25 2.46 -40.57 -13.41
CA ARG C 25 1.70 -40.03 -12.31
C ARG C 25 0.27 -39.96 -12.73
N GLY C 26 0.00 -39.75 -14.02
CA GLY C 26 -1.37 -39.64 -14.43
C GLY C 26 -1.70 -38.19 -14.62
N ASP C 27 -0.66 -37.35 -14.76
CA ASP C 27 -0.91 -35.96 -14.58
C ASP C 27 -1.77 -35.46 -15.67
N LYS C 28 -2.27 -34.24 -15.38
CA LYS C 28 -3.59 -33.74 -15.60
C LYS C 28 -3.40 -32.56 -16.48
N TYR C 29 -4.49 -32.03 -17.05
CA TYR C 29 -4.11 -31.45 -18.29
C TYR C 29 -4.45 -30.01 -18.38
N VAL C 30 -3.40 -29.15 -18.49
CA VAL C 30 -3.56 -27.79 -18.93
C VAL C 30 -3.81 -27.58 -20.43
N ALA C 31 -2.93 -28.03 -21.36
CA ALA C 31 -2.79 -27.16 -22.49
C ALA C 31 -3.35 -27.75 -23.76
N LYS C 32 -4.14 -26.93 -24.48
CA LYS C 32 -4.72 -27.32 -25.74
C LYS C 32 -4.12 -26.41 -26.77
N PHE C 33 -3.92 -26.89 -28.01
CA PHE C 33 -3.23 -26.05 -28.97
C PHE C 33 -4.12 -25.76 -30.14
N GLN C 34 -3.95 -24.57 -30.75
CA GLN C 34 -4.68 -24.16 -31.91
C GLN C 34 -3.74 -23.34 -32.74
N GLY C 35 -3.50 -23.74 -34.01
CA GLY C 35 -2.67 -22.93 -34.87
C GLY C 35 -1.27 -22.96 -34.32
N GLU C 36 -0.39 -22.15 -34.93
CA GLU C 36 0.99 -22.01 -34.53
C GLU C 36 1.10 -21.24 -33.25
N ASP C 37 0.30 -20.15 -33.19
CA ASP C 37 0.30 -19.12 -32.19
C ASP C 37 -0.49 -19.30 -30.92
N THR C 38 -1.54 -20.15 -30.88
CA THR C 38 -2.40 -20.06 -29.73
C THR C 38 -2.42 -21.30 -28.88
N VAL C 39 -2.56 -21.08 -27.55
CA VAL C 39 -2.69 -22.12 -26.58
C VAL C 39 -3.91 -21.79 -25.78
N MET C 40 -4.70 -22.81 -25.37
CA MET C 40 -5.89 -22.50 -24.64
C MET C 40 -5.84 -23.16 -23.31
N ILE C 41 -6.08 -22.35 -22.25
CA ILE C 41 -6.09 -22.86 -20.93
C ILE C 41 -7.37 -22.38 -20.30
N ALA C 42 -8.11 -23.30 -19.66
CA ALA C 42 -9.35 -22.95 -19.01
C ALA C 42 -10.22 -22.22 -19.99
N SER C 43 -10.27 -22.72 -21.23
CA SER C 43 -11.08 -22.24 -22.32
C SER C 43 -10.68 -20.86 -22.76
N LYS C 44 -9.63 -20.26 -22.17
CA LYS C 44 -9.27 -18.93 -22.62
C LYS C 44 -8.12 -19.07 -23.57
N PRO C 45 -8.25 -18.48 -24.72
CA PRO C 45 -7.17 -18.52 -25.68
C PRO C 45 -6.13 -17.48 -25.42
N TYR C 46 -4.85 -17.80 -25.68
CA TYR C 46 -3.77 -16.86 -25.56
C TYR C 46 -2.97 -16.98 -26.81
N ALA C 47 -2.89 -15.90 -27.60
CA ALA C 47 -2.09 -15.94 -28.79
C ALA C 47 -0.76 -15.33 -28.48
N PHE C 48 0.29 -15.73 -29.22
CA PHE C 48 1.62 -15.22 -29.03
C PHE C 48 2.24 -15.27 -30.39
N ASP C 49 3.51 -14.83 -30.51
CA ASP C 49 4.15 -14.87 -31.79
C ASP C 49 4.23 -16.30 -32.21
N ARG C 50 4.44 -17.23 -31.24
CA ARG C 50 4.44 -18.63 -31.53
C ARG C 50 4.25 -19.40 -30.27
N VAL C 51 3.73 -20.64 -30.41
CA VAL C 51 3.54 -21.52 -29.29
C VAL C 51 4.23 -22.80 -29.66
N PHE C 52 5.15 -23.28 -28.80
CA PHE C 52 5.86 -24.48 -29.11
C PHE C 52 5.34 -25.56 -28.22
N GLN C 53 4.99 -26.72 -28.80
CA GLN C 53 4.48 -27.78 -27.98
C GLN C 53 5.61 -28.55 -27.38
N SER C 54 5.27 -29.55 -26.54
CA SER C 54 6.20 -30.25 -25.68
C SER C 54 7.35 -30.89 -26.41
N SER C 55 7.15 -31.32 -27.67
CA SER C 55 8.17 -32.01 -28.42
C SER C 55 9.15 -31.11 -29.13
N THR C 56 8.91 -29.78 -29.18
CA THR C 56 9.70 -28.91 -30.01
C THR C 56 11.17 -29.06 -29.70
N SER C 57 12.02 -28.99 -30.75
CA SER C 57 13.44 -29.18 -30.60
C SER C 57 14.11 -27.89 -30.28
N GLN C 58 15.37 -28.01 -29.80
CA GLN C 58 16.17 -26.88 -29.44
C GLN C 58 16.38 -26.10 -30.69
N GLU C 59 16.55 -26.81 -31.82
CA GLU C 59 16.79 -26.22 -33.10
C GLU C 59 15.64 -25.35 -33.49
N GLN C 60 14.41 -25.81 -33.28
CA GLN C 60 13.25 -25.06 -33.68
C GLN C 60 13.19 -23.79 -32.89
N VAL C 61 13.46 -23.87 -31.57
CA VAL C 61 13.38 -22.70 -30.72
C VAL C 61 14.39 -21.69 -31.15
N TYR C 62 15.62 -22.15 -31.47
CA TYR C 62 16.67 -21.25 -31.84
C TYR C 62 16.31 -20.55 -33.10
N ASN C 63 15.82 -21.29 -34.11
CA ASN C 63 15.55 -20.69 -35.38
C ASN C 63 14.50 -19.64 -35.23
N ASP C 64 13.38 -19.97 -34.56
CA ASP C 64 12.34 -19.00 -34.44
C ASP C 64 12.69 -17.87 -33.51
N CYS C 65 13.23 -18.19 -32.32
CA CYS C 65 13.50 -17.17 -31.34
C CYS C 65 14.72 -16.30 -31.54
N ALA C 66 15.92 -16.92 -31.59
CA ALA C 66 17.25 -16.32 -31.67
C ALA C 66 17.84 -15.92 -33.00
N LYS C 67 17.61 -16.71 -34.07
CA LYS C 67 18.38 -16.63 -35.28
C LYS C 67 18.48 -15.23 -35.82
N LYS C 68 17.34 -14.56 -36.01
CA LYS C 68 17.35 -13.24 -36.59
C LYS C 68 18.06 -12.26 -35.72
N ILE C 69 17.94 -12.40 -34.39
CA ILE C 69 18.51 -11.48 -33.45
C ILE C 69 20.01 -11.50 -33.64
N VAL C 70 20.59 -12.71 -33.81
CA VAL C 70 22.00 -12.86 -33.94
C VAL C 70 22.45 -12.10 -35.16
N LYS C 71 21.65 -12.17 -36.24
CA LYS C 71 22.03 -11.49 -37.45
C LYS C 71 22.06 -10.02 -37.18
N ASP C 72 21.09 -9.51 -36.40
CA ASP C 72 21.00 -8.10 -36.13
C ASP C 72 22.23 -7.68 -35.39
N VAL C 73 22.69 -8.49 -34.43
CA VAL C 73 23.84 -8.15 -33.63
C VAL C 73 25.02 -8.02 -34.53
N LEU C 74 25.18 -8.95 -35.49
CA LEU C 74 26.27 -8.89 -36.44
C LEU C 74 26.06 -7.68 -37.28
N GLU C 75 24.79 -7.30 -37.48
CA GLU C 75 24.36 -6.16 -38.23
C GLU C 75 24.79 -4.92 -37.50
N GLY C 76 25.05 -5.03 -36.18
CA GLY C 76 25.49 -3.87 -35.45
C GLY C 76 24.43 -3.39 -34.50
N TYR C 77 23.35 -4.17 -34.27
CA TYR C 77 22.30 -3.71 -33.41
C TYR C 77 22.32 -4.52 -32.14
N ASN C 78 21.68 -3.99 -31.08
CA ASN C 78 21.61 -4.64 -29.80
C ASN C 78 20.36 -5.46 -29.72
N GLY C 79 20.32 -6.43 -28.77
CA GLY C 79 19.15 -7.24 -28.65
C GLY C 79 19.14 -7.90 -27.30
N THR C 80 17.96 -8.45 -26.92
CA THR C 80 17.83 -9.13 -25.67
C THR C 80 16.93 -10.31 -25.88
N ILE C 81 17.23 -11.42 -25.18
CA ILE C 81 16.42 -12.62 -25.21
C ILE C 81 16.24 -13.03 -23.78
N PHE C 82 14.99 -13.34 -23.39
CA PHE C 82 14.72 -13.69 -22.01
C PHE C 82 14.07 -15.03 -21.97
N ALA C 83 14.25 -15.75 -20.84
CA ALA C 83 13.55 -16.96 -20.57
C ALA C 83 12.78 -16.65 -19.33
N TYR C 84 11.44 -16.79 -19.38
CA TYR C 84 10.61 -16.37 -18.28
C TYR C 84 9.73 -17.52 -17.90
N GLY C 85 9.46 -17.70 -16.59
CA GLY C 85 8.58 -18.76 -16.20
C GLY C 85 8.87 -19.18 -14.79
N GLN C 86 8.02 -20.10 -14.31
CA GLN C 86 8.05 -20.69 -13.00
C GLN C 86 9.27 -21.57 -12.92
N THR C 87 9.67 -21.95 -11.69
CA THR C 87 10.83 -22.79 -11.57
C THR C 87 10.46 -24.12 -12.15
N SER C 88 11.44 -24.75 -12.85
CA SER C 88 11.27 -26.02 -13.51
C SER C 88 10.43 -25.90 -14.75
N SER C 89 10.17 -24.67 -15.22
CA SER C 89 9.41 -24.45 -16.43
C SER C 89 10.23 -24.85 -17.63
N GLY C 90 11.57 -24.74 -17.55
CA GLY C 90 12.37 -25.02 -18.72
C GLY C 90 13.19 -23.85 -19.19
N LYS C 91 13.38 -22.83 -18.32
CA LYS C 91 14.14 -21.66 -18.69
C LYS C 91 15.58 -21.99 -19.01
N ASN C 92 16.29 -22.73 -18.13
CA ASN C 92 17.68 -23.03 -18.31
C ASN C 92 17.86 -23.95 -19.48
N HIS C 93 16.94 -24.91 -19.62
CA HIS C 93 17.02 -25.85 -20.69
C HIS C 93 16.99 -25.06 -21.97
N THR C 94 16.08 -24.08 -22.04
CA THR C 94 15.94 -23.28 -23.21
C THR C 94 17.17 -22.44 -23.44
N MET C 95 17.63 -21.69 -22.42
CA MET C 95 18.75 -20.83 -22.61
C MET C 95 20.03 -21.57 -22.89
N GLU C 96 20.45 -22.49 -21.99
CA GLU C 96 21.66 -23.28 -22.15
C GLU C 96 21.49 -24.66 -22.68
N GLY C 97 20.54 -25.43 -22.11
CA GLY C 97 20.42 -26.82 -22.47
C GLY C 97 21.72 -27.50 -22.12
N LYS C 98 22.11 -28.52 -22.91
CA LYS C 98 23.38 -29.18 -22.70
C LYS C 98 24.36 -28.42 -23.54
N LEU C 99 25.31 -27.74 -22.88
CA LEU C 99 26.20 -26.83 -23.53
C LEU C 99 27.01 -27.50 -24.61
N HIS C 100 27.48 -28.73 -24.35
CA HIS C 100 28.28 -29.44 -25.31
C HIS C 100 27.53 -30.25 -26.33
N ASP C 101 26.30 -30.70 -26.02
CA ASP C 101 25.60 -31.60 -26.89
C ASP C 101 25.02 -30.87 -28.07
N PRO C 102 25.40 -31.29 -29.24
CA PRO C 102 24.94 -30.70 -30.48
C PRO C 102 23.45 -30.71 -30.58
N GLU C 103 22.78 -31.80 -30.16
CA GLU C 103 21.34 -31.89 -30.21
C GLU C 103 20.71 -31.06 -29.13
N GLY C 104 21.18 -31.32 -27.89
CA GLY C 104 20.72 -30.84 -26.61
C GLY C 104 20.96 -29.38 -26.35
N MET C 105 21.99 -28.78 -26.98
CA MET C 105 22.36 -27.42 -26.64
C MET C 105 21.22 -26.46 -26.80
N GLY C 106 21.21 -25.40 -25.95
CA GLY C 106 20.18 -24.40 -25.91
C GLY C 106 20.55 -23.25 -26.79
N ILE C 107 19.88 -22.09 -26.57
CA ILE C 107 20.02 -20.91 -27.37
C ILE C 107 21.42 -20.36 -27.33
N ILE C 108 22.03 -20.27 -26.13
CA ILE C 108 23.32 -19.65 -26.03
C ILE C 108 24.35 -20.40 -26.83
N PRO C 109 24.45 -21.70 -26.73
CA PRO C 109 25.49 -22.37 -27.47
C PRO C 109 25.31 -22.20 -28.94
N ARG C 110 24.05 -22.22 -29.40
CA ARG C 110 23.76 -22.12 -30.80
C ARG C 110 24.14 -20.76 -31.28
N ILE C 111 23.95 -19.72 -30.45
CA ILE C 111 24.28 -18.37 -30.83
C ILE C 111 25.75 -18.22 -31.01
N VAL C 112 26.54 -18.75 -30.06
CA VAL C 112 27.97 -18.64 -30.10
C VAL C 112 28.45 -19.30 -31.35
N GLN C 113 27.89 -20.48 -31.67
CA GLN C 113 28.32 -21.23 -32.79
C GLN C 113 28.09 -20.42 -34.04
N ASP C 114 26.91 -19.78 -34.15
CA ASP C 114 26.56 -19.02 -35.31
C ASP C 114 27.43 -17.82 -35.46
N ILE C 115 27.80 -17.15 -34.34
CA ILE C 115 28.58 -15.95 -34.50
C ILE C 115 29.92 -16.28 -35.08
N PHE C 116 30.60 -17.30 -34.54
CA PHE C 116 31.92 -17.63 -35.00
C PHE C 116 31.87 -18.10 -36.43
N ASN C 117 30.87 -18.94 -36.78
CA ASN C 117 30.80 -19.47 -38.10
C ASN C 117 30.67 -18.34 -39.07
N TYR C 118 29.89 -17.31 -38.71
CA TYR C 118 29.73 -16.16 -39.55
C TYR C 118 31.07 -15.51 -39.73
N ILE C 119 31.81 -15.37 -38.63
CA ILE C 119 33.08 -14.70 -38.64
C ILE C 119 34.05 -15.42 -39.52
N TYR C 120 34.09 -16.77 -39.41
CA TYR C 120 35.04 -17.54 -40.14
C TYR C 120 34.80 -17.30 -41.58
N SER C 121 33.52 -17.25 -41.96
CA SER C 121 33.22 -17.05 -43.33
C SER C 121 33.76 -15.73 -43.78
N MET C 122 33.45 -14.63 -43.04
CA MET C 122 33.85 -13.36 -43.59
C MET C 122 35.34 -13.29 -43.77
N ASP C 123 36.07 -13.10 -42.65
CA ASP C 123 37.50 -13.08 -42.54
C ASP C 123 38.15 -12.28 -43.64
N GLU C 124 37.41 -11.45 -44.40
CA GLU C 124 38.03 -10.77 -45.51
C GLU C 124 38.81 -9.57 -45.07
N ASN C 125 38.07 -8.52 -44.67
CA ASN C 125 38.69 -7.28 -44.28
C ASN C 125 38.01 -6.86 -43.03
N LEU C 126 37.22 -7.78 -42.44
CA LEU C 126 36.51 -7.45 -41.24
C LEU C 126 37.33 -7.94 -40.11
N GLU C 127 37.56 -7.06 -39.10
CA GLU C 127 38.32 -7.47 -37.97
C GLU C 127 37.34 -7.54 -36.83
N PHE C 128 37.18 -8.73 -36.22
CA PHE C 128 36.20 -8.90 -35.17
C PHE C 128 36.85 -8.91 -33.82
N HIS C 129 36.06 -8.54 -32.79
CA HIS C 129 36.49 -8.58 -31.43
C HIS C 129 35.28 -8.97 -30.63
N ILE C 130 35.36 -10.07 -29.85
CA ILE C 130 34.21 -10.50 -29.12
C ILE C 130 34.55 -10.53 -27.67
N LYS C 131 33.68 -9.92 -26.84
CA LYS C 131 33.93 -9.83 -25.43
C LYS C 131 32.70 -10.39 -24.77
N VAL C 132 32.88 -11.06 -23.61
CA VAL C 132 31.73 -11.61 -22.94
C VAL C 132 31.79 -11.20 -21.50
N SER C 133 30.60 -11.18 -20.85
CA SER C 133 30.50 -10.87 -19.46
C SER C 133 29.46 -11.80 -18.91
N TYR C 134 29.63 -12.24 -17.65
CA TYR C 134 28.66 -13.14 -17.10
C TYR C 134 28.42 -12.68 -15.69
N PHE C 135 27.18 -12.27 -15.34
CA PHE C 135 26.93 -11.86 -13.99
C PHE C 135 25.52 -12.21 -13.59
N GLU C 136 25.22 -12.16 -12.27
CA GLU C 136 23.91 -12.54 -11.80
C GLU C 136 23.36 -11.46 -10.92
N ILE C 137 22.01 -11.42 -10.81
CA ILE C 137 21.37 -10.45 -9.96
C ILE C 137 20.59 -11.21 -8.93
N TYR C 138 20.92 -10.99 -7.64
CA TYR C 138 20.23 -11.64 -6.58
C TYR C 138 19.92 -10.56 -5.58
N LEU C 139 18.63 -10.44 -5.17
CA LEU C 139 18.24 -9.42 -4.24
C LEU C 139 18.62 -8.07 -4.75
N ASP C 140 18.49 -7.86 -6.07
CA ASP C 140 18.76 -6.59 -6.69
C ASP C 140 20.20 -6.22 -6.49
N LYS C 141 21.10 -7.22 -6.33
CA LYS C 141 22.51 -6.94 -6.19
C LYS C 141 23.18 -7.66 -7.32
N ILE C 142 24.30 -7.09 -7.84
CA ILE C 142 24.96 -7.69 -8.97
C ILE C 142 26.25 -8.31 -8.55
N ARG C 143 26.48 -9.58 -8.95
CA ARG C 143 27.71 -10.26 -8.61
C ARG C 143 28.33 -10.78 -9.88
N ASP C 144 29.67 -10.62 -10.01
CA ASP C 144 30.40 -11.04 -11.16
C ASP C 144 30.65 -12.51 -11.05
N LEU C 145 30.15 -13.30 -12.03
CA LEU C 145 30.32 -14.73 -12.06
C LEU C 145 31.74 -15.09 -12.40
N LEU C 146 32.40 -14.21 -13.18
CA LEU C 146 33.77 -14.35 -13.59
C LEU C 146 34.71 -14.06 -12.45
N ASP C 147 34.30 -13.17 -11.52
CA ASP C 147 35.15 -12.81 -10.41
C ASP C 147 34.28 -12.70 -9.19
N VAL C 148 34.42 -13.66 -8.26
CA VAL C 148 33.62 -13.75 -7.07
C VAL C 148 33.86 -12.58 -6.15
N SER C 149 35.03 -11.93 -6.25
CA SER C 149 35.32 -10.81 -5.40
C SER C 149 34.41 -9.66 -5.73
N LYS C 150 34.06 -9.48 -7.02
CA LYS C 150 33.24 -8.35 -7.40
C LYS C 150 31.82 -8.63 -7.02
N THR C 151 31.40 -8.06 -5.87
CA THR C 151 30.07 -8.30 -5.43
C THR C 151 29.40 -6.96 -5.29
N ASN C 152 28.05 -6.96 -5.36
CA ASN C 152 27.28 -5.76 -5.20
C ASN C 152 27.81 -4.67 -6.09
N LEU C 153 27.90 -4.95 -7.41
CA LEU C 153 28.38 -4.02 -8.40
C LEU C 153 27.30 -2.99 -8.63
N SER C 154 27.68 -1.83 -9.18
CA SER C 154 26.71 -0.79 -9.43
C SER C 154 26.72 -0.41 -10.89
N VAL C 155 25.53 0.00 -11.40
CA VAL C 155 25.35 0.36 -12.79
C VAL C 155 25.71 1.80 -12.97
N HIS C 156 26.37 2.11 -14.10
CA HIS C 156 26.76 3.45 -14.39
C HIS C 156 26.56 3.69 -15.85
N GLU C 157 26.41 4.98 -16.24
CA GLU C 157 26.29 5.32 -17.62
C GLU C 157 27.53 6.04 -17.98
N ASP C 158 28.03 5.81 -19.21
CA ASP C 158 29.26 6.42 -19.60
C ASP C 158 28.98 7.77 -20.17
N LYS C 159 29.98 8.34 -20.86
CA LYS C 159 29.88 9.66 -21.40
C LYS C 159 28.72 9.68 -22.35
N ASN C 160 28.58 8.64 -23.19
CA ASN C 160 27.52 8.71 -24.15
C ASN C 160 26.38 7.82 -23.77
N ARG C 161 25.92 7.95 -22.51
CA ARG C 161 24.72 7.35 -22.01
C ARG C 161 24.75 5.84 -21.97
N VAL C 162 25.74 5.16 -22.56
CA VAL C 162 25.69 3.72 -22.53
C VAL C 162 25.88 3.27 -21.11
N PRO C 163 25.04 2.35 -20.67
CA PRO C 163 25.15 1.83 -19.33
C PRO C 163 26.18 0.75 -19.23
N TYR C 164 26.74 0.51 -18.03
CA TYR C 164 27.67 -0.57 -17.86
C TYR C 164 27.70 -0.96 -16.41
N VAL C 165 28.19 -2.18 -16.10
CA VAL C 165 28.30 -2.60 -14.73
C VAL C 165 29.71 -2.30 -14.34
N LYS C 166 29.90 -1.38 -13.36
CA LYS C 166 31.22 -0.95 -13.04
C LYS C 166 32.03 -2.07 -12.47
N GLY C 167 33.21 -2.31 -13.06
CA GLY C 167 34.14 -3.27 -12.56
C GLY C 167 33.77 -4.66 -12.98
N CYS C 168 32.80 -4.81 -13.90
CA CYS C 168 32.43 -6.15 -14.30
C CYS C 168 33.47 -6.66 -15.26
N THR C 169 33.82 -7.95 -15.11
CA THR C 169 34.85 -8.56 -15.92
C THR C 169 34.37 -8.65 -17.34
N GLU C 170 35.25 -8.32 -18.30
CA GLU C 170 34.93 -8.45 -19.68
C GLU C 170 36.01 -9.29 -20.27
N ARG C 171 35.66 -10.44 -20.87
CA ARG C 171 36.68 -11.31 -21.35
C ARG C 171 36.59 -11.45 -22.84
N PHE C 172 37.75 -11.35 -23.53
CA PHE C 172 37.76 -11.48 -24.97
C PHE C 172 37.84 -12.94 -25.30
N VAL C 173 36.91 -13.43 -26.15
CA VAL C 173 36.87 -14.81 -26.51
C VAL C 173 37.13 -14.96 -27.98
N CYS C 174 38.08 -15.87 -28.30
CA CYS C 174 38.48 -16.28 -29.61
C CYS C 174 37.64 -17.35 -30.24
N SER C 175 37.03 -18.27 -29.46
CA SER C 175 36.38 -19.39 -30.09
C SER C 175 35.21 -19.83 -29.27
N PRO C 176 34.41 -20.71 -29.84
CA PRO C 176 33.25 -21.21 -29.14
C PRO C 176 33.65 -21.95 -27.91
N ASP C 177 34.79 -22.67 -27.94
CA ASP C 177 35.22 -23.44 -26.82
C ASP C 177 35.52 -22.51 -25.70
N GLU C 178 36.11 -21.35 -26.02
CA GLU C 178 36.50 -20.41 -25.01
C GLU C 178 35.27 -19.90 -24.31
N VAL C 179 34.21 -19.64 -25.08
CA VAL C 179 32.98 -19.12 -24.54
C VAL C 179 32.36 -20.12 -23.63
N MET C 180 32.34 -21.41 -24.05
CA MET C 180 31.71 -22.44 -23.28
C MET C 180 32.44 -22.55 -21.98
N ASP C 181 33.79 -22.46 -22.01
CA ASP C 181 34.56 -22.58 -20.81
C ASP C 181 34.17 -21.46 -19.90
N THR C 182 33.93 -20.26 -20.47
CA THR C 182 33.60 -19.11 -19.67
C THR C 182 32.30 -19.38 -18.97
N ILE C 183 31.31 -19.92 -19.70
CA ILE C 183 30.03 -20.19 -19.11
C ILE C 183 30.21 -21.20 -18.02
N ASP C 184 31.04 -22.24 -18.28
CA ASP C 184 31.25 -23.27 -17.29
C ASP C 184 31.86 -22.68 -16.07
N GLU C 185 32.79 -21.72 -16.25
CA GLU C 185 33.47 -21.10 -15.14
C GLU C 185 32.47 -20.37 -14.31
N GLY C 186 31.57 -19.62 -14.97
CA GLY C 186 30.61 -18.83 -14.26
C GLY C 186 29.73 -19.73 -13.47
N LYS C 187 29.36 -20.88 -14.06
CA LYS C 187 28.48 -21.79 -13.40
C LYS C 187 29.12 -22.27 -12.15
N SER C 188 30.43 -22.55 -12.21
CA SER C 188 31.18 -23.06 -11.09
C SER C 188 31.27 -22.02 -10.02
N ASN C 189 31.58 -20.77 -10.43
CA ASN C 189 31.81 -19.68 -9.53
C ASN C 189 30.55 -19.39 -8.77
N ARG C 190 29.40 -19.67 -9.38
CA ARG C 190 28.10 -19.35 -8.84
C ARG C 190 27.91 -19.98 -7.50
N HIS C 191 28.43 -21.23 -7.41
CA HIS C 191 28.09 -22.33 -6.52
C HIS C 191 28.45 -22.01 -5.12
N VAL C 192 29.64 -21.41 -5.01
CA VAL C 192 30.37 -21.35 -3.80
C VAL C 192 29.62 -20.41 -2.90
N ALA C 193 29.66 -20.69 -1.60
CA ALA C 193 28.88 -19.99 -0.60
C ALA C 193 27.41 -20.14 -0.85
N VAL C 194 27.00 -21.20 -1.58
CA VAL C 194 25.58 -21.40 -1.81
C VAL C 194 25.21 -22.74 -1.28
N THR C 195 24.29 -22.76 -0.28
CA THR C 195 23.84 -24.01 0.29
C THR C 195 22.97 -24.76 -0.67
N ASN C 196 21.96 -24.08 -1.25
CA ASN C 196 21.05 -24.76 -2.12
C ASN C 196 21.14 -24.13 -3.48
N MET C 197 21.70 -24.87 -4.47
CA MET C 197 21.84 -24.37 -5.80
C MET C 197 20.51 -24.18 -6.44
N ASN C 198 19.56 -25.11 -6.16
CA ASN C 198 18.28 -25.04 -6.81
C ASN C 198 17.62 -23.74 -6.45
N GLU C 199 17.57 -23.44 -5.14
CA GLU C 199 16.93 -22.25 -4.67
C GLU C 199 17.65 -21.06 -5.21
N HIS C 200 18.98 -21.10 -5.17
CA HIS C 200 19.79 -20.00 -5.59
C HIS C 200 19.60 -19.71 -7.06
N SER C 201 19.60 -20.78 -7.89
CA SER C 201 19.53 -20.60 -9.31
C SER C 201 18.22 -20.01 -9.71
N SER C 202 17.11 -20.47 -9.10
CA SER C 202 15.81 -19.99 -9.48
C SER C 202 15.66 -18.54 -9.11
N ARG C 203 16.25 -18.15 -7.97
CA ARG C 203 16.19 -16.82 -7.39
C ARG C 203 17.09 -15.81 -8.05
N SER C 204 18.17 -16.19 -8.72
CA SER C 204 19.06 -15.19 -9.25
C SER C 204 18.95 -15.21 -10.72
N HIS C 205 18.83 -14.02 -11.34
CA HIS C 205 18.82 -13.88 -12.77
C HIS C 205 20.24 -14.01 -13.26
N SER C 206 20.46 -14.86 -14.27
CA SER C 206 21.78 -14.95 -14.83
C SER C 206 21.79 -14.19 -16.11
N ILE C 207 22.85 -13.38 -16.33
CA ILE C 207 22.92 -12.52 -17.48
C ILE C 207 24.20 -12.81 -18.21
N PHE C 208 24.10 -13.19 -19.50
CA PHE C 208 25.29 -13.44 -20.26
C PHE C 208 25.32 -12.42 -21.36
N LEU C 209 26.44 -11.69 -21.52
CA LEU C 209 26.50 -10.64 -22.50
C LEU C 209 27.54 -10.96 -23.54
N ILE C 210 27.15 -10.83 -24.82
CA ILE C 210 28.03 -11.09 -25.93
C ILE C 210 28.16 -9.80 -26.69
N ASN C 211 29.37 -9.22 -26.72
CA ASN C 211 29.60 -7.99 -27.42
C ASN C 211 30.36 -8.33 -28.66
N VAL C 212 29.80 -8.02 -29.83
CA VAL C 212 30.50 -8.32 -31.05
C VAL C 212 30.85 -7.03 -31.71
N LYS C 213 32.16 -6.76 -31.84
CA LYS C 213 32.57 -5.55 -32.49
C LYS C 213 33.33 -5.94 -33.71
N GLN C 214 33.28 -5.09 -34.75
CA GLN C 214 33.94 -5.41 -35.98
C GLN C 214 34.27 -4.14 -36.70
N GLU C 215 35.40 -4.13 -37.43
CA GLU C 215 35.74 -2.96 -38.20
C GLU C 215 36.27 -3.44 -39.51
N ASN C 216 35.72 -2.91 -40.62
CA ASN C 216 36.17 -3.32 -41.92
C ASN C 216 37.32 -2.44 -42.23
N THR C 217 38.47 -3.06 -42.51
CA THR C 217 39.64 -2.27 -42.71
C THR C 217 39.43 -1.34 -43.87
N GLN C 218 38.85 -1.86 -44.97
CA GLN C 218 38.64 -1.03 -46.14
C GLN C 218 37.52 -0.03 -45.95
N THR C 219 36.33 -0.49 -45.52
CA THR C 219 35.17 0.36 -45.41
C THR C 219 35.39 1.34 -44.30
N GLU C 220 36.02 0.87 -43.22
CA GLU C 220 36.32 1.61 -42.02
C GLU C 220 35.08 1.82 -41.21
N GLN C 221 33.93 1.28 -41.64
CA GLN C 221 32.77 1.50 -40.83
C GLN C 221 32.90 0.55 -39.69
N LYS C 222 32.65 1.01 -38.46
CA LYS C 222 32.77 0.09 -37.36
C LYS C 222 31.41 -0.23 -36.83
N LEU C 223 31.23 -1.45 -36.31
CA LEU C 223 29.96 -1.89 -35.82
C LEU C 223 30.17 -2.51 -34.48
N SER C 224 29.17 -2.34 -33.59
CA SER C 224 29.25 -2.95 -32.29
C SER C 224 27.84 -3.35 -31.95
N GLY C 225 27.68 -4.56 -31.39
CA GLY C 225 26.37 -5.01 -31.04
C GLY C 225 26.50 -5.76 -29.75
N LYS C 226 25.47 -5.62 -28.89
CA LYS C 226 25.48 -6.32 -27.63
C LYS C 226 24.26 -7.17 -27.63
N LEU C 227 24.41 -8.43 -27.18
CA LEU C 227 23.31 -9.33 -27.10
C LEU C 227 23.29 -9.78 -25.67
N TYR C 228 22.17 -9.54 -24.96
CA TYR C 228 22.11 -9.96 -23.59
C TYR C 228 21.23 -11.17 -23.55
N LEU C 229 21.75 -12.27 -22.98
CA LEU C 229 20.96 -13.46 -22.84
C LEU C 229 20.60 -13.52 -21.39
N VAL C 230 19.29 -13.64 -21.06
CA VAL C 230 18.95 -13.61 -19.67
C VAL C 230 18.09 -14.78 -19.27
N ASP C 231 18.53 -15.49 -18.21
CA ASP C 231 17.78 -16.56 -17.62
C ASP C 231 17.27 -15.99 -16.32
N LEU C 232 15.98 -15.61 -16.29
CA LEU C 232 15.35 -14.92 -15.20
C LEU C 232 15.09 -15.83 -14.03
N ALA C 233 14.82 -15.20 -12.87
CA ALA C 233 14.48 -15.89 -11.66
C ALA C 233 13.09 -16.43 -11.84
N GLY C 234 12.69 -17.39 -11.00
CA GLY C 234 11.39 -17.99 -11.10
C GLY C 234 10.34 -16.95 -10.85
N SER C 235 9.30 -16.95 -11.70
CA SER C 235 8.21 -16.02 -11.62
C SER C 235 7.26 -16.43 -10.55
N GLU C 236 7.42 -17.63 -9.96
CA GLU C 236 6.45 -18.08 -8.98
C GLU C 236 6.87 -17.68 -7.60
N ASN C 255 9.24 -10.70 -7.74
CA ASN C 255 10.63 -10.32 -7.83
C ASN C 255 10.71 -8.93 -8.40
N LYS C 256 11.59 -8.10 -7.82
CA LYS C 256 11.70 -6.72 -8.18
C LYS C 256 12.07 -6.55 -9.62
N SER C 257 13.01 -7.37 -10.12
CA SER C 257 13.43 -7.25 -11.49
C SER C 257 12.31 -7.63 -12.41
N LEU C 258 11.54 -8.68 -12.04
CA LEU C 258 10.48 -9.17 -12.88
C LEU C 258 9.44 -8.10 -13.01
N SER C 259 9.09 -7.46 -11.88
CA SER C 259 8.07 -6.44 -11.90
C SER C 259 8.57 -5.29 -12.71
N ALA C 260 9.86 -4.96 -12.56
CA ALA C 260 10.43 -3.85 -13.28
C ALA C 260 10.34 -4.14 -14.74
N LEU C 261 10.61 -5.40 -15.10
CA LEU C 261 10.59 -5.81 -16.48
C LEU C 261 9.19 -5.70 -17.00
N GLY C 262 8.19 -6.06 -16.16
CA GLY C 262 6.83 -6.01 -16.60
C GLY C 262 6.48 -4.60 -16.95
N ASN C 263 6.88 -3.64 -16.10
CA ASN C 263 6.55 -2.26 -16.31
C ASN C 263 7.19 -1.78 -17.57
N VAL C 264 8.46 -2.16 -17.81
CA VAL C 264 9.12 -1.68 -19.00
C VAL C 264 8.46 -2.21 -20.23
N ILE C 265 8.06 -3.50 -20.23
CA ILE C 265 7.46 -4.08 -21.40
C ILE C 265 6.14 -3.42 -21.68
N SER C 266 5.33 -3.20 -20.63
CA SER C 266 4.03 -2.62 -20.81
C SER C 266 4.17 -1.26 -21.39
N ALA C 267 5.16 -0.49 -20.90
CA ALA C 267 5.36 0.87 -21.36
C ALA C 267 5.71 0.86 -22.81
N LEU C 268 6.56 -0.10 -23.23
CA LEU C 268 6.96 -0.19 -24.60
C LEU C 268 5.76 -0.55 -25.44
N ALA C 269 4.92 -1.47 -24.93
CA ALA C 269 3.78 -1.95 -25.66
C ALA C 269 2.86 -0.79 -25.91
N GLU C 270 2.72 0.10 -24.91
CA GLU C 270 1.83 1.23 -25.01
C GLU C 270 2.36 2.21 -26.01
N GLY C 271 3.68 2.21 -26.29
CA GLY C 271 4.19 3.15 -27.24
C GLY C 271 4.50 4.41 -26.50
N SER C 272 4.71 4.29 -25.18
CA SER C 272 5.00 5.44 -24.38
C SER C 272 6.39 5.91 -24.66
N THR C 273 6.57 7.23 -24.63
CA THR C 273 7.83 7.88 -24.86
C THR C 273 8.74 7.61 -23.71
N TYR C 274 8.17 7.46 -22.49
CA TYR C 274 9.01 7.30 -21.34
C TYR C 274 8.89 5.90 -20.83
N VAL C 275 10.05 5.20 -20.67
CA VAL C 275 10.06 3.85 -20.19
C VAL C 275 10.77 3.84 -18.86
N PRO C 276 10.25 3.01 -17.98
CA PRO C 276 10.64 2.86 -16.60
C PRO C 276 11.93 2.12 -16.30
N TYR C 277 12.99 2.24 -17.10
CA TYR C 277 14.19 1.46 -16.93
C TYR C 277 14.76 1.57 -15.54
N ARG C 278 14.64 2.74 -14.89
CA ARG C 278 15.22 2.97 -13.60
C ARG C 278 14.69 2.04 -12.53
N ASP C 279 13.52 1.40 -12.76
CA ASP C 279 12.90 0.59 -11.74
C ASP C 279 13.79 -0.53 -11.26
N SER C 280 14.77 -1.02 -12.05
CA SER C 280 15.64 -2.04 -11.52
C SER C 280 17.01 -1.86 -12.09
N LYS C 281 18.00 -2.52 -11.46
CA LYS C 281 19.34 -2.50 -11.96
C LYS C 281 19.33 -3.21 -13.27
N MET C 282 18.57 -4.32 -13.35
CA MET C 282 18.55 -5.13 -14.53
C MET C 282 18.08 -4.34 -15.70
N THR C 283 16.94 -3.64 -15.53
CA THR C 283 16.36 -2.89 -16.61
C THR C 283 17.27 -1.75 -16.98
N ARG C 284 17.98 -1.17 -16.00
CA ARG C 284 18.88 -0.08 -16.30
C ARG C 284 20.04 -0.54 -17.14
N ILE C 285 20.62 -1.73 -16.85
CA ILE C 285 21.75 -2.20 -17.60
C ILE C 285 21.33 -2.48 -19.02
N LEU C 286 20.15 -3.10 -19.14
CA LEU C 286 19.52 -3.55 -20.36
C LEU C 286 19.04 -2.43 -21.21
N GLN C 287 18.96 -1.19 -20.68
CA GLN C 287 18.29 -0.11 -21.36
C GLN C 287 18.73 0.06 -22.79
N ASP C 288 20.03 -0.07 -23.12
CA ASP C 288 20.43 0.12 -24.48
C ASP C 288 20.00 -1.01 -25.38
N SER C 289 19.81 -2.23 -24.83
CA SER C 289 19.41 -3.39 -25.58
C SER C 289 17.94 -3.72 -25.56
N LEU C 290 17.11 -3.00 -24.77
CA LEU C 290 15.73 -3.39 -24.66
C LEU C 290 14.86 -2.25 -25.09
N GLY C 291 13.97 -2.50 -26.07
CA GLY C 291 13.09 -1.48 -26.55
C GLY C 291 13.88 -0.61 -27.46
N GLY C 292 13.24 0.47 -27.97
CA GLY C 292 13.91 1.38 -28.84
C GLY C 292 14.12 0.78 -30.19
N ASN C 293 15.40 0.60 -30.57
CA ASN C 293 15.72 0.11 -31.87
C ASN C 293 16.33 -1.24 -31.70
N CYS C 294 15.83 -2.04 -30.73
CA CYS C 294 16.43 -3.32 -30.48
C CYS C 294 15.39 -4.36 -30.61
N ARG C 295 15.81 -5.60 -30.98
CA ARG C 295 14.90 -6.69 -31.09
C ARG C 295 14.89 -7.37 -29.76
N THR C 296 13.73 -7.87 -29.32
CA THR C 296 13.70 -8.55 -28.05
C THR C 296 12.79 -9.72 -28.17
N THR C 297 13.26 -10.89 -27.70
CA THR C 297 12.42 -12.05 -27.74
C THR C 297 12.29 -12.51 -26.33
N ILE C 298 11.05 -12.84 -25.92
CA ILE C 298 10.85 -13.33 -24.59
C ILE C 298 10.29 -14.69 -24.77
N VAL C 299 10.96 -15.70 -24.17
CA VAL C 299 10.43 -17.02 -24.28
C VAL C 299 9.87 -17.34 -22.93
N ILE C 300 8.53 -17.44 -22.85
CA ILE C 300 7.91 -17.79 -21.61
C ILE C 300 7.76 -19.28 -21.65
N CYS C 301 8.22 -19.96 -20.58
CA CYS C 301 8.18 -21.39 -20.56
C CYS C 301 7.14 -21.82 -19.57
N CYS C 302 6.42 -22.92 -19.86
CA CYS C 302 5.39 -23.33 -18.93
C CYS C 302 5.32 -24.82 -18.86
N SER C 303 4.83 -25.31 -17.69
CA SER C 303 4.60 -26.71 -17.54
C SER C 303 3.17 -26.89 -17.92
N PRO C 304 2.89 -27.95 -18.60
CA PRO C 304 1.56 -28.27 -19.06
C PRO C 304 0.68 -28.80 -17.96
N SER C 305 1.44 -29.06 -16.88
CA SER C 305 1.13 -29.92 -15.81
C SER C 305 0.19 -29.17 -14.97
N SER C 306 -0.47 -29.91 -14.07
CA SER C 306 -1.85 -29.73 -13.72
C SER C 306 -2.07 -28.62 -12.75
N TYR C 307 -1.13 -28.51 -11.80
CA TYR C 307 -1.27 -27.71 -10.63
C TYR C 307 -1.26 -26.27 -10.98
N ASN C 308 -0.14 -25.91 -11.63
CA ASN C 308 0.08 -24.56 -11.93
C ASN C 308 -0.50 -24.41 -13.30
N GLU C 309 -1.86 -24.36 -13.33
CA GLU C 309 -2.58 -23.68 -14.37
C GLU C 309 -2.37 -22.22 -14.07
N SER C 310 -2.34 -21.90 -12.78
CA SER C 310 -2.40 -20.54 -12.32
C SER C 310 -1.13 -19.82 -12.69
N GLU C 311 0.03 -20.47 -12.53
CA GLU C 311 1.29 -19.84 -12.82
C GLU C 311 1.39 -19.55 -14.28
N THR C 312 0.91 -20.47 -15.13
CA THR C 312 1.00 -20.27 -16.56
C THR C 312 0.19 -19.07 -16.90
N LYS C 313 -0.98 -18.89 -16.25
CA LYS C 313 -1.84 -17.79 -16.55
C LYS C 313 -1.06 -16.54 -16.35
N SER C 314 -0.30 -16.47 -15.23
CA SER C 314 0.45 -15.29 -14.89
C SER C 314 1.48 -15.04 -15.95
N THR C 315 2.18 -16.10 -16.38
CA THR C 315 3.23 -15.95 -17.35
C THR C 315 2.65 -15.42 -18.61
N LEU C 316 1.51 -16.00 -19.04
CA LEU C 316 0.90 -15.60 -20.28
C LEU C 316 0.52 -14.16 -20.17
N LEU C 317 0.00 -13.75 -18.99
CA LEU C 317 -0.43 -12.40 -18.77
C LEU C 317 0.74 -11.48 -18.89
N PHE C 318 1.89 -11.89 -18.32
CA PHE C 318 3.06 -11.06 -18.33
C PHE C 318 3.47 -10.82 -19.76
N GLY C 319 3.46 -11.88 -20.59
CA GLY C 319 3.87 -11.78 -21.96
C GLY C 319 2.97 -10.82 -22.68
N GLN C 320 1.70 -10.79 -22.28
CA GLN C 320 0.67 -10.00 -22.89
C GLN C 320 0.94 -8.52 -22.75
N ARG C 321 1.79 -8.12 -21.79
CA ARG C 321 2.03 -6.72 -21.52
C ARG C 321 2.44 -6.05 -22.79
N ALA C 322 3.21 -6.77 -23.64
CA ALA C 322 3.72 -6.33 -24.91
C ALA C 322 2.66 -6.55 -25.94
N LYS C 323 2.84 -5.99 -27.15
CA LYS C 323 1.62 -5.78 -27.88
C LYS C 323 1.39 -6.75 -28.98
N THR C 324 0.16 -7.21 -28.87
CA THR C 324 -0.28 -8.48 -29.31
C THR C 324 -1.50 -8.17 -30.04
N ILE C 325 -2.42 -9.12 -30.00
CA ILE C 325 -3.67 -8.74 -30.54
C ILE C 325 -4.46 -8.40 -29.34
N LYS C 326 -5.28 -7.36 -29.49
CA LYS C 326 -6.17 -6.88 -28.48
C LYS C 326 -7.49 -7.41 -28.92
N ASN C 327 -8.32 -7.85 -27.98
CA ASN C 327 -9.56 -8.44 -28.35
C ASN C 327 -10.56 -7.39 -28.37
N THR C 328 -11.74 -7.81 -28.87
CA THR C 328 -12.87 -6.99 -28.76
C THR C 328 -13.35 -7.13 -27.37
N VAL C 329 -14.05 -6.07 -26.94
CA VAL C 329 -14.44 -5.86 -25.58
C VAL C 329 -15.52 -6.88 -25.50
N CYS C 330 -16.36 -6.84 -26.43
#